data_8UKZ
#
_entry.id   8UKZ
#
_cell.length_a   61.957
_cell.length_b   94.480
_cell.length_c   105.985
_cell.angle_alpha   90.000
_cell.angle_beta   92.680
_cell.angle_gamma   90.000
#
_symmetry.space_group_name_H-M   'P 1 21 1'
#
loop_
_entity.id
_entity.type
_entity.pdbx_description
1 polymer 'Cytochrome P450-SU1'
2 non-polymer 'PROTOPORPHYRIN IX CONTAINING FE'
3 non-polymer 'trifluoroacetic acid'
4 non-polymer 'ACETATE ION'
5 non-polymer DI(HYDROXYETHYL)ETHER
6 water water
#
_entity_poly.entity_id   1
_entity_poly.type   'polypeptide(L)'
_entity_poly.pdbx_seq_one_letter_code
;MGSSHHHHHHSSGLVPRGSHMMADEATAAVRDPIYDPLAPSVIADPYPFYRKLRETNTVHWHEFLDSWVVTGYAECRQVL
GDTTNFGSDFRRIDVEIPDTQLSVQSLDPPEHGAIRHLLVSALHEQPLSTVRQQFAAIAAQHLAELSGQPGTVDLVSRFA
RPVALRTITAFLGVPPPDGAGFEQWSNAIVRSMDAGIEPARAEPGNQARAELSRLVTHWLAEADERGFVGAARRAARAQD
VPAAVLANSLRAVLHAGYASVSRLLGGVLARLVRHPELLAGPATRDADEALVDELIRLDGPVQADARVCVRDQPVGAQLV
RRGDVLVLFIAAANRDPAVFPDPDAVRLTRRRGLHLAFGRGAHACLGAGLATLQLREVLGALRAGGLRLAPAGPAAYEPT
ATLRGLAELPVSVRQPHRTD
;
_entity_poly.pdbx_strand_id   A,B,C
#
loop_
_chem_comp.id
_chem_comp.type
_chem_comp.name
_chem_comp.formula
ACT non-polymer 'ACETATE ION' 'C2 H3 O2 -1'
HEM non-polymer 'PROTOPORPHYRIN IX CONTAINING FE' 'C34 H32 Fe N4 O4'
PEG non-polymer DI(HYDROXYETHYL)ETHER 'C4 H10 O3'
TFA non-polymer 'trifluoroacetic acid' 'C2 H F3 O2'
#
# COMPACT_ATOMS: atom_id res chain seq x y z
N TYR A 35 2.01 -45.80 -18.26
CA TYR A 35 1.86 -44.47 -18.84
C TYR A 35 3.11 -43.63 -18.64
N ASP A 36 4.05 -43.70 -19.59
CA ASP A 36 5.23 -42.86 -19.59
C ASP A 36 4.90 -41.57 -20.33
N PRO A 37 4.78 -40.43 -19.65
CA PRO A 37 4.35 -39.22 -20.35
C PRO A 37 5.30 -38.75 -21.44
N LEU A 38 6.57 -39.17 -21.41
CA LEU A 38 7.54 -38.77 -22.41
C LEU A 38 7.83 -39.87 -23.42
N ALA A 39 7.11 -40.98 -23.39
CA ALA A 39 7.28 -42.02 -24.39
C ALA A 39 6.98 -41.45 -25.77
N PRO A 40 7.76 -41.80 -26.79
CA PRO A 40 7.51 -41.23 -28.12
C PRO A 40 6.10 -41.47 -28.62
N SER A 41 5.53 -42.64 -28.35
CA SER A 41 4.17 -42.93 -28.81
C SER A 41 3.13 -42.08 -28.10
N VAL A 42 3.37 -41.76 -26.83
CA VAL A 42 2.44 -40.88 -26.11
C VAL A 42 2.56 -39.45 -26.62
N ILE A 43 3.80 -38.96 -26.77
CA ILE A 43 4.00 -37.61 -27.30
C ILE A 43 3.36 -37.48 -28.68
N ALA A 44 3.34 -38.57 -29.45
CA ALA A 44 2.77 -38.49 -30.79
C ALA A 44 1.28 -38.16 -30.75
N ASP A 45 0.57 -38.71 -29.76
CA ASP A 45 -0.84 -38.44 -29.57
C ASP A 45 -1.23 -38.90 -28.17
N PRO A 46 -1.21 -38.01 -27.17
CA PRO A 46 -1.45 -38.44 -25.79
C PRO A 46 -2.93 -38.66 -25.43
N TYR A 47 -3.86 -38.21 -26.25
CA TYR A 47 -5.26 -38.16 -25.85
C TYR A 47 -5.88 -39.54 -25.66
N PRO A 48 -5.56 -40.53 -26.50
CA PRO A 48 -6.03 -41.89 -26.19
C PRO A 48 -5.52 -42.40 -24.87
N PHE A 49 -4.30 -42.00 -24.47
CA PHE A 49 -3.79 -42.38 -23.16
C PHE A 49 -4.55 -41.65 -22.04
N TYR A 50 -4.80 -40.36 -22.23
CA TYR A 50 -5.63 -39.63 -21.28
C TYR A 50 -6.97 -40.33 -21.07
N ARG A 51 -7.62 -40.71 -22.19
CA ARG A 51 -8.93 -41.35 -22.11
C ARG A 51 -8.86 -42.68 -21.38
N LYS A 52 -7.85 -43.50 -21.69
CA LYS A 52 -7.69 -44.76 -20.96
C LYS A 52 -7.56 -44.51 -19.46
N LEU A 53 -6.82 -43.48 -19.08
CA LEU A 53 -6.73 -43.11 -17.67
C LEU A 53 -8.09 -42.71 -17.12
N ARG A 54 -8.77 -41.80 -17.82
N ARG A 54 -8.78 -41.79 -17.81
CA ARG A 54 -10.05 -41.27 -17.32
CA ARG A 54 -10.05 -41.29 -17.29
C ARG A 54 -11.08 -42.39 -17.20
C ARG A 54 -11.09 -42.40 -17.18
N GLU A 55 -11.10 -43.32 -18.15
CA GLU A 55 -12.10 -44.38 -18.14
C GLU A 55 -11.87 -45.38 -17.01
N THR A 56 -10.63 -45.52 -16.54
CA THR A 56 -10.34 -46.47 -15.46
C THR A 56 -10.45 -45.81 -14.09
N ASN A 57 -9.96 -44.57 -13.95
CA ASN A 57 -10.14 -43.84 -12.69
C ASN A 57 -9.82 -42.36 -12.94
N THR A 58 -10.77 -41.48 -12.63
CA THR A 58 -10.54 -40.06 -12.89
C THR A 58 -9.43 -39.49 -12.01
N VAL A 59 -9.08 -40.18 -10.92
CA VAL A 59 -8.03 -39.73 -10.01
C VAL A 59 -7.16 -40.95 -9.72
N HIS A 60 -6.03 -41.06 -10.43
N HIS A 60 -6.08 -41.09 -10.51
CA HIS A 60 -5.16 -42.22 -10.33
CA HIS A 60 -5.13 -42.18 -10.33
C HIS A 60 -3.87 -41.84 -9.62
C HIS A 60 -3.99 -41.73 -9.43
N TRP A 61 -3.48 -42.64 -8.62
CA TRP A 61 -2.23 -42.42 -7.90
C TRP A 61 -1.08 -42.89 -8.79
N HIS A 62 -0.15 -41.99 -9.09
CA HIS A 62 1.05 -42.33 -9.86
C HIS A 62 2.19 -42.45 -8.86
N GLU A 63 2.52 -43.69 -8.49
CA GLU A 63 3.40 -43.91 -7.35
C GLU A 63 4.84 -43.48 -7.63
N PHE A 64 5.25 -43.48 -8.91
CA PHE A 64 6.62 -43.14 -9.22
C PHE A 64 6.83 -41.64 -9.31
N LEU A 65 5.81 -40.89 -9.71
CA LEU A 65 5.84 -39.45 -9.63
C LEU A 65 5.39 -38.92 -8.28
N ASP A 66 4.85 -39.77 -7.42
CA ASP A 66 4.36 -39.35 -6.11
C ASP A 66 3.37 -38.20 -6.28
N SER A 67 2.37 -38.43 -7.12
CA SER A 67 1.38 -37.41 -7.45
C SER A 67 0.09 -38.09 -7.90
N TRP A 68 -1.02 -37.40 -7.64
CA TRP A 68 -2.30 -37.79 -8.22
C TRP A 68 -2.39 -37.30 -9.66
N VAL A 69 -2.96 -38.14 -10.53
CA VAL A 69 -3.20 -37.79 -11.92
C VAL A 69 -4.70 -37.68 -12.11
N VAL A 70 -5.17 -36.48 -12.45
CA VAL A 70 -6.58 -36.16 -12.49
C VAL A 70 -6.96 -35.88 -13.93
N THR A 71 -7.82 -36.73 -14.49
CA THR A 71 -8.26 -36.61 -15.86
C THR A 71 -9.74 -36.31 -16.01
N GLY A 72 -10.52 -36.38 -14.93
CA GLY A 72 -11.95 -36.08 -15.02
C GLY A 72 -12.20 -34.57 -14.96
N TYR A 73 -13.20 -34.14 -15.72
CA TYR A 73 -13.50 -32.71 -15.81
C TYR A 73 -13.94 -32.15 -14.46
N ALA A 74 -14.90 -32.81 -13.81
CA ALA A 74 -15.41 -32.30 -12.54
C ALA A 74 -14.28 -32.22 -11.52
N GLU A 75 -13.38 -33.21 -11.51
CA GLU A 75 -12.30 -33.22 -10.54
C GLU A 75 -11.28 -32.12 -10.80
N CYS A 76 -10.93 -31.90 -12.06
CA CYS A 76 -10.00 -30.81 -12.37
C CYS A 76 -10.62 -29.46 -12.02
N ARG A 77 -11.89 -29.27 -12.37
CA ARG A 77 -12.56 -28.00 -12.08
C ARG A 77 -12.67 -27.77 -10.58
N GLN A 78 -12.97 -28.82 -9.81
CA GLN A 78 -13.01 -28.70 -8.36
C GLN A 78 -11.66 -28.22 -7.82
N VAL A 79 -10.58 -28.91 -8.19
CA VAL A 79 -9.28 -28.61 -7.60
C VAL A 79 -8.82 -27.21 -8.00
N LEU A 80 -9.06 -26.83 -9.25
CA LEU A 80 -8.58 -25.52 -9.72
C LEU A 80 -9.21 -24.37 -8.96
N GLY A 81 -10.50 -24.47 -8.65
CA GLY A 81 -11.20 -23.39 -8.00
C GLY A 81 -11.05 -23.32 -6.50
N ASP A 82 -10.55 -24.38 -5.88
CA ASP A 82 -10.51 -24.50 -4.42
C ASP A 82 -9.10 -24.19 -3.95
N THR A 83 -8.81 -22.90 -3.76
CA THR A 83 -7.52 -22.48 -3.23
C THR A 83 -7.45 -22.62 -1.71
N THR A 84 -8.56 -22.95 -1.06
CA THR A 84 -8.54 -23.19 0.38
C THR A 84 -7.91 -24.53 0.73
N ASN A 85 -8.22 -25.58 -0.05
CA ASN A 85 -7.71 -26.91 0.21
C ASN A 85 -6.57 -27.31 -0.73
N PHE A 86 -6.43 -26.64 -1.87
CA PHE A 86 -5.38 -26.93 -2.84
C PHE A 86 -4.72 -25.62 -3.22
N GLY A 87 -3.38 -25.60 -3.24
CA GLY A 87 -2.64 -24.37 -3.39
C GLY A 87 -1.54 -24.47 -4.43
N SER A 88 -1.03 -23.29 -4.80
CA SER A 88 0.15 -23.18 -5.62
C SER A 88 1.37 -22.66 -4.87
N ASP A 89 1.19 -22.18 -3.63
CA ASP A 89 2.28 -21.66 -2.82
C ASP A 89 2.74 -22.78 -1.88
N PHE A 90 3.88 -23.39 -2.19
CA PHE A 90 4.34 -24.52 -1.41
C PHE A 90 4.68 -24.11 0.02
N ARG A 91 4.84 -22.81 0.29
CA ARG A 91 5.03 -22.38 1.67
C ARG A 91 3.83 -22.72 2.55
N ARG A 92 2.67 -22.98 1.95
CA ARG A 92 1.49 -23.34 2.73
C ARG A 92 1.53 -24.76 3.26
N ILE A 93 2.49 -25.58 2.82
CA ILE A 93 2.72 -26.88 3.42
C ILE A 93 4.11 -26.91 4.03
N ASP A 94 4.56 -25.76 4.54
CA ASP A 94 5.78 -25.65 5.33
C ASP A 94 7.04 -25.91 4.52
N VAL A 95 7.01 -25.61 3.22
CA VAL A 95 8.19 -25.69 2.37
C VAL A 95 8.84 -24.32 2.27
N GLU A 96 10.16 -24.29 2.49
CA GLU A 96 10.90 -23.04 2.43
C GLU A 96 10.98 -22.53 1.00
N ILE A 97 10.51 -21.30 0.78
CA ILE A 97 10.61 -20.64 -0.51
C ILE A 97 11.22 -19.26 -0.28
N PRO A 98 12.38 -18.95 -0.84
CA PRO A 98 12.94 -17.60 -0.65
C PRO A 98 12.03 -16.52 -1.21
N ASP A 99 12.08 -15.35 -0.58
CA ASP A 99 11.24 -14.23 -1.05
C ASP A 99 11.63 -13.80 -2.45
N THR A 100 12.90 -13.97 -2.83
CA THR A 100 13.34 -13.55 -4.15
C THR A 100 12.70 -14.35 -5.27
N GLN A 101 12.12 -15.51 -4.97
CA GLN A 101 11.58 -16.40 -5.98
C GLN A 101 10.06 -16.39 -6.04
N LEU A 102 9.39 -15.53 -5.29
CA LEU A 102 7.94 -15.47 -5.31
C LEU A 102 7.43 -14.78 -6.57
N SER A 103 6.29 -15.26 -7.07
CA SER A 103 5.72 -14.78 -8.32
C SER A 103 4.21 -14.96 -8.26
N VAL A 104 3.51 -14.30 -9.18
CA VAL A 104 2.05 -14.34 -9.16
C VAL A 104 1.56 -15.78 -9.22
N GLN A 105 2.22 -16.63 -10.00
CA GLN A 105 1.74 -18.00 -10.18
C GLN A 105 2.00 -18.90 -8.99
N SER A 106 2.89 -18.50 -8.08
CA SER A 106 3.22 -19.30 -6.91
C SER A 106 2.74 -18.65 -5.62
N LEU A 107 1.87 -17.65 -5.71
CA LEU A 107 1.24 -17.04 -4.56
C LEU A 107 -0.24 -17.39 -4.56
N ASP A 108 -0.80 -17.51 -3.36
CA ASP A 108 -2.21 -17.78 -3.17
C ASP A 108 -2.85 -16.64 -2.40
N PRO A 109 -4.16 -16.52 -2.40
CA PRO A 109 -4.80 -15.45 -1.64
C PRO A 109 -4.43 -15.57 -0.18
N PRO A 110 -4.29 -14.44 0.53
CA PRO A 110 -4.51 -13.05 0.09
C PRO A 110 -3.35 -12.36 -0.63
N GLU A 111 -2.11 -12.83 -0.48
CA GLU A 111 -0.99 -12.16 -1.13
C GLU A 111 -1.14 -12.14 -2.65
N HIS A 112 -1.77 -13.17 -3.22
CA HIS A 112 -1.91 -13.26 -4.66
C HIS A 112 -2.72 -12.10 -5.22
N GLY A 113 -3.67 -11.58 -4.44
CA GLY A 113 -4.58 -10.57 -4.99
C GLY A 113 -3.88 -9.30 -5.39
N ALA A 114 -2.88 -8.88 -4.62
CA ALA A 114 -2.22 -7.61 -4.89
C ALA A 114 -1.50 -7.63 -6.24
N ILE A 115 -0.57 -8.58 -6.41
CA ILE A 115 0.16 -8.65 -7.68
C ILE A 115 -0.79 -8.98 -8.82
N ARG A 116 -1.75 -9.88 -8.58
CA ARG A 116 -2.74 -10.18 -9.61
C ARG A 116 -3.49 -8.93 -10.05
N HIS A 117 -3.99 -8.16 -9.10
CA HIS A 117 -4.70 -6.93 -9.44
C HIS A 117 -3.79 -5.95 -10.17
N LEU A 118 -2.54 -5.84 -9.74
CA LEU A 118 -1.59 -4.97 -10.42
C LEU A 118 -1.48 -5.35 -11.90
N LEU A 119 -1.29 -6.64 -12.18
CA LEU A 119 -1.13 -7.07 -13.56
C LEU A 119 -2.41 -6.84 -14.36
N VAL A 120 -3.57 -7.09 -13.74
CA VAL A 120 -4.83 -6.85 -14.44
C VAL A 120 -5.04 -5.37 -14.71
N SER A 121 -4.69 -4.52 -13.74
CA SER A 121 -4.81 -3.08 -13.95
C SER A 121 -3.97 -2.63 -15.13
N ALA A 122 -2.71 -3.09 -15.19
CA ALA A 122 -1.84 -2.73 -16.29
C ALA A 122 -2.36 -3.29 -17.60
N LEU A 123 -2.98 -4.48 -17.55
CA LEU A 123 -3.62 -5.04 -18.73
C LEU A 123 -4.75 -4.16 -19.22
N HIS A 124 -5.57 -3.65 -18.30
CA HIS A 124 -6.76 -2.91 -18.68
C HIS A 124 -6.46 -1.49 -19.08
N GLU A 125 -5.26 -0.98 -18.81
CA GLU A 125 -4.85 0.31 -19.33
C GLU A 125 -4.48 0.29 -20.81
N GLN A 126 -4.34 -0.88 -21.41
CA GLN A 126 -3.92 -0.94 -22.81
C GLN A 126 -5.12 -0.77 -23.71
N PRO A 127 -5.14 0.23 -24.60
CA PRO A 127 -6.31 0.41 -25.48
C PRO A 127 -6.43 -0.77 -26.46
N LEU A 128 -7.60 -1.41 -26.44
CA LEU A 128 -7.81 -2.61 -27.25
C LEU A 128 -7.83 -2.31 -28.74
N SER A 129 -8.28 -1.11 -29.13
CA SER A 129 -8.24 -0.77 -30.55
C SER A 129 -6.82 -0.84 -31.06
N THR A 130 -5.86 -0.34 -30.28
CA THR A 130 -4.46 -0.43 -30.66
C THR A 130 -3.95 -1.87 -30.61
N VAL A 131 -4.33 -2.63 -29.57
CA VAL A 131 -3.85 -4.00 -29.45
C VAL A 131 -4.36 -4.85 -30.61
N ARG A 132 -5.64 -4.75 -30.94
CA ARG A 132 -6.16 -5.55 -32.04
C ARG A 132 -5.51 -5.18 -33.37
N GLN A 133 -5.27 -3.87 -33.59
CA GLN A 133 -4.61 -3.46 -34.82
C GLN A 133 -3.21 -4.05 -34.89
N GLN A 134 -2.50 -4.06 -33.76
CA GLN A 134 -1.16 -4.64 -33.73
C GLN A 134 -1.21 -6.15 -33.97
N PHE A 135 -2.11 -6.85 -33.27
CA PHE A 135 -2.19 -8.30 -33.44
C PHE A 135 -2.59 -8.65 -34.87
N ALA A 136 -3.53 -7.90 -35.44
CA ALA A 136 -3.97 -8.20 -36.79
C ALA A 136 -2.85 -7.95 -37.81
N ALA A 137 -2.09 -6.85 -37.62
CA ALA A 137 -1.01 -6.54 -38.54
C ALA A 137 0.08 -7.59 -38.50
N ILE A 138 0.45 -8.05 -37.30
CA ILE A 138 1.51 -9.04 -37.16
C ILE A 138 1.11 -10.35 -37.84
N ALA A 139 -0.12 -10.81 -37.59
CA ALA A 139 -0.56 -12.05 -38.21
C ALA A 139 -0.61 -11.92 -39.74
N ALA A 140 -1.10 -10.79 -40.24
CA ALA A 140 -1.19 -10.61 -41.68
C ALA A 140 0.20 -10.50 -42.31
N GLN A 141 1.12 -9.82 -41.65
CA GLN A 141 2.46 -9.67 -42.21
C GLN A 141 3.14 -11.02 -42.37
N HIS A 142 3.06 -11.87 -41.34
CA HIS A 142 3.75 -13.15 -41.42
C HIS A 142 3.06 -14.13 -42.34
N LEU A 143 1.74 -13.96 -42.54
CA LEU A 143 1.04 -14.79 -43.52
C LEU A 143 1.42 -14.37 -44.94
N ALA A 144 1.48 -13.07 -45.20
CA ALA A 144 1.86 -12.59 -46.52
C ALA A 144 3.26 -13.05 -46.89
N GLU A 145 4.17 -13.09 -45.91
CA GLU A 145 5.52 -13.57 -46.18
C GLU A 145 5.53 -15.02 -46.63
N LEU A 146 4.48 -15.79 -46.31
CA LEU A 146 4.40 -17.16 -46.79
C LEU A 146 3.85 -17.26 -48.21
N SER A 147 3.19 -16.21 -48.71
CA SER A 147 2.64 -16.25 -50.05
C SER A 147 3.76 -16.29 -51.08
N GLY A 148 3.63 -17.18 -52.06
CA GLY A 148 4.63 -17.33 -53.08
C GLY A 148 5.77 -18.28 -52.74
N GLN A 149 5.70 -18.97 -51.62
CA GLN A 149 6.71 -19.95 -51.24
C GLN A 149 6.47 -21.24 -52.02
N PRO A 150 7.32 -21.58 -52.99
CA PRO A 150 7.04 -22.78 -53.80
C PRO A 150 7.29 -24.07 -53.07
N GLY A 151 8.22 -24.09 -52.11
CA GLY A 151 8.59 -25.30 -51.42
C GLY A 151 7.81 -25.52 -50.15
N THR A 152 8.33 -26.43 -49.33
CA THR A 152 7.70 -26.73 -48.04
C THR A 152 8.12 -25.69 -47.03
N VAL A 153 7.17 -25.26 -46.20
CA VAL A 153 7.44 -24.28 -45.16
C VAL A 153 6.99 -24.85 -43.83
N ASP A 154 7.75 -24.55 -42.78
CA ASP A 154 7.41 -24.97 -41.41
C ASP A 154 6.67 -23.82 -40.73
N LEU A 155 5.39 -24.04 -40.44
CA LEU A 155 4.56 -23.00 -39.86
C LEU A 155 4.91 -22.73 -38.39
N VAL A 156 5.60 -23.66 -37.73
CA VAL A 156 6.01 -23.42 -36.35
C VAL A 156 7.06 -22.31 -36.30
N SER A 157 8.17 -22.49 -37.01
CA SER A 157 9.26 -21.52 -36.97
C SER A 157 8.98 -20.30 -37.84
N ARG A 158 8.13 -20.42 -38.86
CA ARG A 158 7.87 -19.34 -39.79
C ARG A 158 6.63 -18.52 -39.46
N PHE A 159 5.75 -19.02 -38.59
CA PHE A 159 4.53 -18.28 -38.25
C PHE A 159 4.25 -18.30 -36.76
N ALA A 160 4.01 -19.47 -36.19
CA ALA A 160 3.53 -19.56 -34.81
C ALA A 160 4.48 -18.85 -33.86
N ARG A 161 5.78 -19.12 -33.96
CA ARG A 161 6.73 -18.55 -33.00
C ARG A 161 6.96 -17.06 -33.25
N PRO A 162 7.28 -16.61 -34.47
CA PRO A 162 7.50 -15.17 -34.65
C PRO A 162 6.26 -14.33 -34.37
N VAL A 163 5.07 -14.82 -34.74
CA VAL A 163 3.84 -14.09 -34.43
C VAL A 163 3.64 -13.98 -32.93
N ALA A 164 3.87 -15.08 -32.21
CA ALA A 164 3.73 -15.05 -30.76
C ALA A 164 4.72 -14.10 -30.11
N LEU A 165 5.97 -14.10 -30.60
CA LEU A 165 7.01 -13.28 -29.99
C LEU A 165 6.77 -11.79 -30.22
N ARG A 166 6.44 -11.41 -31.47
CA ARG A 166 6.15 -10.01 -31.73
C ARG A 166 4.87 -9.56 -31.06
N THR A 167 3.89 -10.47 -30.96
CA THR A 167 2.63 -10.14 -30.30
C THR A 167 2.83 -9.82 -28.83
N ILE A 168 3.56 -10.67 -28.11
CA ILE A 168 3.72 -10.46 -26.68
C ILE A 168 4.58 -9.24 -26.41
N THR A 169 5.64 -9.03 -27.20
CA THR A 169 6.50 -7.87 -26.97
C THR A 169 5.81 -6.58 -27.41
N ALA A 170 4.98 -6.64 -28.45
CA ALA A 170 4.16 -5.49 -28.79
C ALA A 170 3.24 -5.12 -27.64
N PHE A 171 2.56 -6.13 -27.07
CA PHE A 171 1.73 -5.88 -25.90
C PHE A 171 2.54 -5.34 -24.74
N LEU A 172 3.72 -5.91 -24.50
CA LEU A 172 4.55 -5.43 -23.40
C LEU A 172 5.10 -4.05 -23.66
N GLY A 173 5.22 -3.65 -24.92
CA GLY A 173 5.79 -2.35 -25.24
C GLY A 173 7.31 -2.35 -25.20
N VAL A 174 7.93 -3.44 -25.65
CA VAL A 174 9.38 -3.58 -25.60
C VAL A 174 9.85 -4.11 -26.95
N PRO A 175 11.10 -3.86 -27.30
CA PRO A 175 11.62 -4.36 -28.59
C PRO A 175 11.73 -5.87 -28.58
N PRO A 176 11.37 -6.53 -29.68
CA PRO A 176 11.44 -8.00 -29.71
C PRO A 176 12.87 -8.49 -29.67
N PRO A 177 13.18 -9.47 -28.82
CA PRO A 177 14.50 -10.09 -28.88
C PRO A 177 14.65 -10.96 -30.11
N ASP A 178 15.88 -11.44 -30.31
CA ASP A 178 16.16 -12.34 -31.41
C ASP A 178 15.28 -13.59 -31.31
N GLY A 179 14.62 -13.93 -32.40
CA GLY A 179 13.64 -15.01 -32.36
C GLY A 179 14.25 -16.37 -32.10
N ALA A 180 15.31 -16.71 -32.84
CA ALA A 180 15.97 -17.99 -32.63
C ALA A 180 16.54 -18.10 -31.23
N GLY A 181 17.22 -17.05 -30.77
CA GLY A 181 17.79 -17.07 -29.42
C GLY A 181 16.74 -17.20 -28.35
N PHE A 182 15.63 -16.46 -28.48
CA PHE A 182 14.60 -16.51 -27.46
C PHE A 182 13.91 -17.87 -27.42
N GLU A 183 13.73 -18.50 -28.59
CA GLU A 183 13.13 -19.84 -28.60
C GLU A 183 14.04 -20.84 -27.93
N GLN A 184 15.35 -20.69 -28.08
CA GLN A 184 16.29 -21.58 -27.40
C GLN A 184 16.09 -21.50 -25.89
N TRP A 185 16.00 -20.28 -25.35
CA TRP A 185 15.72 -20.13 -23.91
C TRP A 185 14.37 -20.72 -23.55
N SER A 186 13.32 -20.36 -24.30
CA SER A 186 11.97 -20.83 -24.00
C SER A 186 11.90 -22.35 -24.03
N ASN A 187 12.48 -22.96 -25.07
CA ASN A 187 12.49 -24.42 -25.19
C ASN A 187 13.07 -25.06 -23.93
N ALA A 188 14.19 -24.52 -23.44
CA ALA A 188 14.79 -25.05 -22.22
C ALA A 188 13.83 -24.91 -21.04
N ILE A 189 13.13 -23.78 -20.94
CA ILE A 189 12.20 -23.58 -19.84
C ILE A 189 11.04 -24.55 -19.93
N VAL A 190 10.45 -24.69 -21.13
CA VAL A 190 9.31 -25.58 -21.29
C VAL A 190 9.70 -27.01 -20.95
N ARG A 191 10.87 -27.46 -21.43
CA ARG A 191 11.33 -28.80 -21.12
C ARG A 191 11.54 -28.98 -19.62
N SER A 192 11.92 -27.90 -18.92
CA SER A 192 12.16 -28.02 -17.48
C SER A 192 10.88 -28.20 -16.68
N MET A 193 9.72 -27.90 -17.28
CA MET A 193 8.46 -28.17 -16.60
C MET A 193 8.27 -29.66 -16.38
N ASP A 194 9.00 -30.50 -17.11
CA ASP A 194 8.95 -31.95 -16.95
C ASP A 194 10.06 -32.49 -16.06
N ALA A 195 10.67 -31.62 -15.25
CA ALA A 195 11.81 -32.05 -14.44
C ALA A 195 11.43 -33.11 -13.42
N GLY A 196 10.16 -33.16 -13.01
CA GLY A 196 9.71 -34.25 -12.16
C GLY A 196 9.81 -35.61 -12.82
N ILE A 197 9.80 -35.65 -14.15
CA ILE A 197 9.97 -36.89 -14.90
C ILE A 197 11.43 -37.15 -15.21
N GLU A 198 12.12 -36.14 -15.74
CA GLU A 198 13.55 -36.20 -16.04
C GLU A 198 14.24 -35.07 -15.28
N PRO A 199 14.77 -35.33 -14.09
CA PRO A 199 15.34 -34.23 -13.29
C PRO A 199 16.45 -33.49 -14.00
N ALA A 200 17.11 -34.11 -14.97
CA ALA A 200 18.20 -33.43 -15.68
C ALA A 200 17.71 -32.20 -16.45
N ARG A 201 16.41 -32.10 -16.69
CA ARG A 201 15.87 -30.95 -17.41
C ARG A 201 15.83 -29.68 -16.55
N ALA A 202 16.07 -29.80 -15.24
CA ALA A 202 15.94 -28.64 -14.38
C ALA A 202 17.02 -27.61 -14.67
N GLU A 203 18.28 -28.05 -14.83
CA GLU A 203 19.38 -27.08 -14.86
C GLU A 203 19.35 -26.23 -16.13
N PRO A 204 19.15 -26.77 -17.33
CA PRO A 204 19.01 -25.89 -18.50
C PRO A 204 17.90 -24.87 -18.33
N GLY A 205 16.81 -25.24 -17.66
CA GLY A 205 15.74 -24.29 -17.41
C GLY A 205 16.13 -23.19 -16.45
N ASN A 206 16.86 -23.53 -15.39
CA ASN A 206 17.31 -22.50 -14.45
C ASN A 206 18.20 -21.48 -15.15
N GLN A 207 19.05 -21.95 -16.08
CA GLN A 207 19.91 -21.04 -16.81
C GLN A 207 19.09 -20.14 -17.74
N ALA A 208 18.06 -20.70 -18.39
CA ALA A 208 17.22 -19.90 -19.27
C ALA A 208 16.37 -18.91 -18.48
N ARG A 209 15.86 -19.33 -17.32
CA ARG A 209 15.09 -18.42 -16.48
C ARG A 209 15.93 -17.22 -16.06
N ALA A 210 17.15 -17.47 -15.59
CA ALA A 210 18.03 -16.37 -15.20
C ALA A 210 18.27 -15.43 -16.37
N GLU A 211 18.34 -15.97 -17.59
CA GLU A 211 18.54 -15.13 -18.76
C GLU A 211 17.31 -14.27 -19.04
N LEU A 212 16.11 -14.85 -18.91
CA LEU A 212 14.90 -14.04 -19.07
C LEU A 212 14.77 -13.00 -17.96
N SER A 213 15.32 -13.30 -16.78
CA SER A 213 15.28 -12.33 -15.69
C SER A 213 16.07 -11.08 -16.05
N ARG A 214 17.26 -11.25 -16.62
CA ARG A 214 18.05 -10.09 -17.02
C ARG A 214 17.34 -9.28 -18.10
N LEU A 215 16.66 -9.97 -19.02
CA LEU A 215 15.92 -9.27 -20.06
C LEU A 215 14.79 -8.44 -19.45
N VAL A 216 14.07 -9.01 -18.48
CA VAL A 216 12.99 -8.28 -17.84
C VAL A 216 13.54 -7.13 -17.00
N THR A 217 14.72 -7.32 -16.39
CA THR A 217 15.32 -6.23 -15.62
C THR A 217 15.67 -5.06 -16.52
N HIS A 218 16.19 -5.34 -17.73
CA HIS A 218 16.51 -4.26 -18.65
C HIS A 218 15.25 -3.51 -19.06
N TRP A 219 14.16 -4.24 -19.33
CA TRP A 219 12.92 -3.60 -19.75
C TRP A 219 12.34 -2.74 -18.64
N LEU A 220 12.37 -3.22 -17.39
CA LEU A 220 11.86 -2.42 -16.29
C LEU A 220 12.60 -1.10 -16.15
N ALA A 221 13.91 -1.12 -16.34
CA ALA A 221 14.70 0.10 -16.22
C ALA A 221 14.55 1.01 -17.43
N GLU A 222 14.18 0.47 -18.59
CA GLU A 222 14.27 1.20 -19.84
C GLU A 222 12.95 1.28 -20.61
N ALA A 223 11.91 0.60 -20.16
CA ALA A 223 10.71 0.50 -20.99
C ALA A 223 10.00 1.84 -21.10
N ASP A 224 9.41 2.07 -22.27
CA ASP A 224 8.59 3.25 -22.51
C ASP A 224 7.41 3.26 -21.54
N GLU A 225 6.84 4.45 -21.33
CA GLU A 225 5.66 4.53 -20.49
C GLU A 225 4.48 3.83 -21.14
N ARG A 226 4.54 3.63 -22.46
CA ARG A 226 3.48 2.96 -23.21
C ARG A 226 3.73 1.46 -23.14
N GLY A 227 2.65 0.70 -23.04
CA GLY A 227 2.74 -0.75 -23.00
C GLY A 227 2.57 -1.29 -21.58
N PHE A 228 2.50 -2.62 -21.52
CA PHE A 228 2.20 -3.29 -20.25
C PHE A 228 3.29 -3.06 -19.22
N VAL A 229 4.56 -3.06 -19.65
CA VAL A 229 5.66 -2.89 -18.70
C VAL A 229 5.56 -1.54 -18.01
N GLY A 230 5.35 -0.47 -18.77
CA GLY A 230 5.22 0.84 -18.18
C GLY A 230 4.09 0.92 -17.18
N ALA A 231 2.94 0.32 -17.52
CA ALA A 231 1.80 0.36 -16.61
C ALA A 231 2.06 -0.46 -15.36
N ALA A 232 2.70 -1.62 -15.47
CA ALA A 232 3.01 -2.42 -14.30
C ALA A 232 3.94 -1.68 -13.37
N ARG A 233 4.90 -0.98 -13.94
CA ARG A 233 5.84 -0.23 -13.15
C ARG A 233 5.16 0.86 -12.35
N ARG A 234 4.23 1.56 -12.97
CA ARG A 234 3.48 2.60 -12.27
C ARG A 234 2.62 2.07 -11.15
N ALA A 235 1.96 0.97 -11.40
CA ALA A 235 1.08 0.39 -10.41
C ALA A 235 1.85 -0.03 -9.20
N ALA A 236 3.01 -0.58 -9.42
CA ALA A 236 3.80 -1.05 -8.32
C ALA A 236 4.36 0.12 -7.54
N VAL A 241 3.81 -3.47 -4.02
CA VAL A 241 4.28 -4.80 -4.36
C VAL A 241 5.80 -4.88 -4.32
N PRO A 242 6.36 -5.89 -3.65
CA PRO A 242 7.81 -6.02 -3.62
C PRO A 242 8.37 -6.18 -5.03
N ALA A 243 9.59 -5.67 -5.24
CA ALA A 243 10.16 -5.62 -6.58
C ALA A 243 10.35 -7.02 -7.16
N ALA A 244 10.72 -7.98 -6.32
CA ALA A 244 11.01 -9.32 -6.83
C ALA A 244 9.74 -10.00 -7.34
N VAL A 245 8.62 -9.79 -6.67
CA VAL A 245 7.35 -10.36 -7.13
C VAL A 245 6.96 -9.74 -8.47
N LEU A 246 7.21 -8.45 -8.64
CA LEU A 246 6.87 -7.78 -9.90
C LEU A 246 7.72 -8.31 -11.04
N ALA A 247 9.05 -8.36 -10.85
CA ALA A 247 9.93 -8.80 -11.92
C ALA A 247 9.66 -10.24 -12.31
N ASN A 248 9.52 -11.12 -11.30
CA ASN A 248 9.23 -12.52 -11.60
C ASN A 248 7.89 -12.67 -12.30
N SER A 249 6.92 -11.83 -11.94
CA SER A 249 5.60 -11.93 -12.55
C SER A 249 5.61 -11.44 -13.99
N LEU A 250 6.38 -10.38 -14.27
CA LEU A 250 6.52 -9.91 -15.64
C LEU A 250 7.24 -10.94 -16.49
N ARG A 251 8.23 -11.63 -15.92
CA ARG A 251 8.88 -12.73 -16.63
C ARG A 251 7.89 -13.83 -16.95
N ALA A 252 6.96 -14.10 -16.02
CA ALA A 252 5.91 -15.08 -16.29
C ALA A 252 4.99 -14.60 -17.41
N VAL A 253 4.61 -13.32 -17.38
CA VAL A 253 3.77 -12.78 -18.45
C VAL A 253 4.46 -12.97 -19.79
N LEU A 254 5.74 -12.59 -19.87
CA LEU A 254 6.48 -12.73 -21.11
C LEU A 254 6.50 -14.18 -21.58
N HIS A 255 6.97 -15.08 -20.72
CA HIS A 255 7.18 -16.44 -21.21
C HIS A 255 5.88 -17.23 -21.30
N ALA A 256 4.99 -17.09 -20.30
CA ALA A 256 3.69 -17.74 -20.41
C ALA A 256 2.99 -17.31 -21.68
N GLY A 257 3.08 -16.02 -22.02
CA GLY A 257 2.51 -15.53 -23.25
C GLY A 257 3.12 -16.15 -24.47
N TYR A 258 4.44 -16.04 -24.61
CA TYR A 258 5.11 -16.57 -25.81
C TYR A 258 4.93 -18.08 -25.93
N ALA A 259 5.18 -18.81 -24.83
CA ALA A 259 5.20 -20.26 -24.91
C ALA A 259 3.80 -20.82 -25.19
N SER A 260 2.78 -20.22 -24.58
CA SER A 260 1.41 -20.71 -24.78
C SER A 260 0.83 -20.30 -26.12
N VAL A 261 1.02 -19.04 -26.52
CA VAL A 261 0.45 -18.57 -27.78
C VAL A 261 1.10 -19.29 -28.96
N SER A 262 2.42 -19.42 -28.94
CA SER A 262 3.10 -20.08 -30.06
C SER A 262 2.62 -21.52 -30.20
N ARG A 263 2.44 -22.22 -29.08
CA ARG A 263 1.98 -23.60 -29.14
C ARG A 263 0.49 -23.70 -29.45
N LEU A 264 -0.31 -22.73 -29.00
CA LEU A 264 -1.72 -22.72 -29.40
C LEU A 264 -1.85 -22.52 -30.91
N LEU A 265 -1.11 -21.56 -31.46
CA LEU A 265 -1.18 -21.33 -32.90
C LEU A 265 -0.70 -22.55 -33.68
N GLY A 266 0.39 -23.18 -33.22
CA GLY A 266 0.86 -24.37 -33.90
C GLY A 266 -0.18 -25.48 -33.93
N GLY A 267 -0.77 -25.76 -32.77
CA GLY A 267 -1.78 -26.80 -32.70
C GLY A 267 -3.03 -26.48 -33.49
N VAL A 268 -3.49 -25.23 -33.41
CA VAL A 268 -4.66 -24.84 -34.19
C VAL A 268 -4.35 -24.95 -35.68
N LEU A 269 -3.17 -24.49 -36.10
CA LEU A 269 -2.79 -24.60 -37.50
C LEU A 269 -2.75 -26.05 -37.96
N ALA A 270 -2.24 -26.95 -37.12
CA ALA A 270 -2.21 -28.37 -37.49
C ALA A 270 -3.61 -28.90 -37.74
N ARG A 271 -4.59 -28.47 -36.93
CA ARG A 271 -5.96 -28.92 -37.13
C ARG A 271 -6.55 -28.31 -38.40
N LEU A 272 -6.27 -27.03 -38.65
CA LEU A 272 -6.86 -26.36 -39.81
C LEU A 272 -6.32 -26.93 -41.12
N VAL A 273 -5.04 -27.31 -41.16
CA VAL A 273 -4.49 -27.79 -42.42
C VAL A 273 -5.11 -29.13 -42.79
N ARG A 274 -5.36 -30.00 -41.79
CA ARG A 274 -6.04 -31.26 -42.06
C ARG A 274 -7.53 -31.08 -42.32
N HIS A 275 -8.15 -30.10 -41.68
CA HIS A 275 -9.59 -29.91 -41.76
C HIS A 275 -9.83 -28.46 -42.14
N PRO A 276 -9.52 -28.10 -43.39
CA PRO A 276 -9.75 -26.71 -43.81
C PRO A 276 -11.22 -26.34 -43.82
N GLU A 277 -12.13 -27.31 -43.80
CA GLU A 277 -13.55 -26.99 -43.71
C GLU A 277 -13.88 -26.17 -42.47
N LEU A 278 -13.04 -26.26 -41.42
CA LEU A 278 -13.29 -25.48 -40.22
C LEU A 278 -13.28 -23.98 -40.52
N LEU A 279 -12.53 -23.55 -41.53
CA LEU A 279 -12.50 -22.14 -41.89
C LEU A 279 -13.56 -21.75 -42.92
N ALA A 280 -14.32 -22.72 -43.44
CA ALA A 280 -15.35 -22.46 -44.44
C ALA A 280 -16.71 -22.22 -43.82
N GLY A 281 -16.76 -21.88 -42.54
CA GLY A 281 -18.01 -21.63 -41.87
C GLY A 281 -18.54 -20.23 -42.11
N PRO A 282 -19.57 -19.84 -41.35
CA PRO A 282 -20.17 -18.52 -41.58
C PRO A 282 -19.20 -17.35 -41.47
N ALA A 283 -18.16 -17.49 -40.65
CA ALA A 283 -17.13 -16.45 -40.50
C ALA A 283 -17.69 -15.16 -39.92
N THR A 284 -18.85 -15.22 -39.29
CA THR A 284 -19.36 -14.08 -38.55
C THR A 284 -18.65 -14.00 -37.19
N ARG A 285 -18.90 -12.91 -36.48
CA ARG A 285 -18.26 -12.73 -35.17
C ARG A 285 -18.77 -13.76 -34.17
N ASP A 286 -20.06 -14.06 -34.21
CA ASP A 286 -20.61 -15.05 -33.28
C ASP A 286 -20.17 -16.45 -33.65
N ALA A 287 -20.14 -16.76 -34.96
CA ALA A 287 -19.68 -18.08 -35.39
C ALA A 287 -18.22 -18.30 -35.02
N ASP A 288 -17.38 -17.29 -35.28
CA ASP A 288 -15.96 -17.41 -34.92
C ASP A 288 -15.76 -17.52 -33.42
N GLU A 289 -16.59 -16.85 -32.62
CA GLU A 289 -16.54 -17.02 -31.17
C GLU A 289 -16.66 -18.49 -30.79
N ALA A 290 -17.65 -19.17 -31.37
CA ALA A 290 -17.84 -20.59 -31.07
C ALA A 290 -16.68 -21.42 -31.59
N LEU A 291 -16.23 -21.14 -32.81
CA LEU A 291 -15.10 -21.89 -33.38
C LEU A 291 -13.85 -21.71 -32.54
N VAL A 292 -13.53 -20.47 -32.20
CA VAL A 292 -12.32 -20.21 -31.42
C VAL A 292 -12.41 -20.89 -30.06
N ASP A 293 -13.58 -20.87 -29.44
CA ASP A 293 -13.74 -21.54 -28.15
C ASP A 293 -13.44 -23.03 -28.27
N GLU A 294 -13.90 -23.66 -29.34
CA GLU A 294 -13.64 -25.08 -29.54
C GLU A 294 -12.17 -25.34 -29.83
N LEU A 295 -11.55 -24.47 -30.65
CA LEU A 295 -10.14 -24.65 -30.97
C LEU A 295 -9.28 -24.56 -29.72
N ILE A 296 -9.63 -23.66 -28.80
CA ILE A 296 -8.89 -23.56 -27.55
C ILE A 296 -9.16 -24.77 -26.67
N ARG A 297 -10.41 -25.22 -26.61
CA ARG A 297 -10.71 -26.42 -25.83
C ARG A 297 -9.89 -27.60 -26.33
N LEU A 298 -9.80 -27.77 -27.65
CA LEU A 298 -9.16 -28.94 -28.22
C LEU A 298 -7.65 -28.83 -28.25
N ASP A 299 -7.12 -27.65 -28.60
CA ASP A 299 -5.71 -27.47 -28.88
C ASP A 299 -5.00 -26.61 -27.85
N GLY A 300 -5.67 -26.22 -26.77
CA GLY A 300 -5.00 -25.56 -25.67
C GLY A 300 -3.77 -26.35 -25.29
N PRO A 301 -2.61 -25.71 -25.25
CA PRO A 301 -1.37 -26.48 -25.10
C PRO A 301 -1.06 -26.97 -23.69
N VAL A 302 -1.67 -26.40 -22.66
CA VAL A 302 -1.36 -26.82 -21.29
C VAL A 302 -1.98 -28.19 -21.05
N GLN A 303 -1.13 -29.20 -20.88
CA GLN A 303 -1.59 -30.56 -20.64
C GLN A 303 -1.70 -30.88 -19.16
N ALA A 304 -0.92 -30.21 -18.32
CA ALA A 304 -0.82 -30.52 -16.90
C ALA A 304 -0.68 -29.24 -16.10
N ASP A 305 -1.42 -29.16 -14.99
CA ASP A 305 -1.51 -27.97 -14.15
C ASP A 305 -1.47 -28.47 -12.71
N ALA A 306 -0.43 -28.12 -11.98
CA ALA A 306 -0.15 -28.77 -10.70
C ALA A 306 -0.65 -27.94 -9.52
N ARG A 307 -1.02 -28.66 -8.45
CA ARG A 307 -1.40 -28.07 -7.19
C ARG A 307 -0.87 -28.96 -6.06
N VAL A 308 -0.77 -28.39 -4.87
CA VAL A 308 -0.47 -29.15 -3.66
C VAL A 308 -1.69 -29.09 -2.75
N CYS A 309 -2.00 -30.20 -2.10
CA CYS A 309 -3.11 -30.27 -1.16
C CYS A 309 -2.70 -29.63 0.16
N VAL A 310 -3.42 -28.58 0.56
CA VAL A 310 -3.14 -27.91 1.83
C VAL A 310 -3.96 -28.53 2.96
N ARG A 311 -5.14 -29.05 2.65
CA ARG A 311 -5.99 -29.70 3.64
C ARG A 311 -6.66 -30.91 2.99
N ASP A 312 -6.70 -32.02 3.74
CA ASP A 312 -7.30 -33.25 3.21
C ASP A 312 -8.65 -32.95 2.56
N GLN A 313 -8.91 -33.58 1.42
CA GLN A 313 -10.11 -33.28 0.67
C GLN A 313 -10.38 -34.45 -0.27
N PRO A 314 -11.61 -34.91 -0.38
CA PRO A 314 -11.91 -35.94 -1.38
C PRO A 314 -11.89 -35.36 -2.79
N VAL A 315 -11.24 -36.08 -3.71
CA VAL A 315 -11.24 -35.74 -5.13
C VAL A 315 -11.59 -36.99 -5.91
N GLY A 316 -12.69 -36.94 -6.65
CA GLY A 316 -13.19 -38.12 -7.33
C GLY A 316 -13.51 -39.21 -6.34
N ALA A 317 -12.92 -40.39 -6.54
CA ALA A 317 -13.11 -41.49 -5.60
C ALA A 317 -12.08 -41.48 -4.47
N GLN A 318 -11.03 -40.70 -4.61
CA GLN A 318 -9.89 -40.71 -3.70
C GLN A 318 -10.03 -39.69 -2.60
N LEU A 319 -9.44 -39.99 -1.44
CA LEU A 319 -9.17 -38.99 -0.42
C LEU A 319 -7.74 -38.49 -0.64
N VAL A 320 -7.60 -37.20 -0.95
CA VAL A 320 -6.27 -36.61 -1.15
C VAL A 320 -5.86 -35.98 0.18
N ARG A 321 -4.57 -36.11 0.50
CA ARG A 321 -4.05 -35.78 1.81
C ARG A 321 -3.17 -34.55 1.75
N ARG A 322 -3.15 -33.79 2.85
CA ARG A 322 -2.29 -32.62 2.95
C ARG A 322 -0.85 -33.00 2.61
N GLY A 323 -0.24 -32.24 1.73
CA GLY A 323 1.10 -32.51 1.24
C GLY A 323 1.14 -33.25 -0.07
N ASP A 324 0.03 -33.89 -0.45
CA ASP A 324 -0.03 -34.57 -1.74
C ASP A 324 0.03 -33.58 -2.88
N VAL A 325 0.79 -33.94 -3.91
CA VAL A 325 0.80 -33.19 -5.16
C VAL A 325 -0.26 -33.77 -6.09
N LEU A 326 -0.98 -32.88 -6.78
CA LEU A 326 -1.95 -33.27 -7.79
C LEU A 326 -1.53 -32.63 -9.11
N VAL A 327 -1.54 -33.43 -10.17
CA VAL A 327 -1.32 -32.94 -11.52
C VAL A 327 -2.68 -33.03 -12.23
N LEU A 328 -3.23 -31.87 -12.58
CA LEU A 328 -4.52 -31.78 -13.25
C LEU A 328 -4.29 -31.83 -14.75
N PHE A 329 -4.75 -32.89 -15.40
CA PHE A 329 -4.62 -33.04 -16.85
C PHE A 329 -5.77 -32.28 -17.49
N ILE A 330 -5.64 -30.95 -17.56
CA ILE A 330 -6.77 -30.14 -18.01
C ILE A 330 -7.04 -30.36 -19.49
N ALA A 331 -6.02 -30.69 -20.28
CA ALA A 331 -6.28 -31.06 -21.68
C ALA A 331 -7.13 -32.30 -21.75
N ALA A 332 -6.90 -33.26 -20.85
CA ALA A 332 -7.72 -34.46 -20.78
C ALA A 332 -9.13 -34.16 -20.28
N ALA A 333 -9.24 -33.27 -19.30
CA ALA A 333 -10.55 -32.86 -18.81
C ALA A 333 -11.38 -32.23 -19.92
N ASN A 334 -10.73 -31.53 -20.84
CA ASN A 334 -11.42 -30.90 -21.96
C ASN A 334 -11.87 -31.91 -23.01
N ARG A 335 -11.54 -33.19 -22.84
CA ARG A 335 -12.06 -34.26 -23.69
C ARG A 335 -12.96 -35.22 -22.91
N ASP A 336 -13.43 -34.82 -21.75
CA ASP A 336 -14.30 -35.67 -20.93
C ASP A 336 -15.66 -35.81 -21.60
N PRO A 337 -16.02 -36.99 -22.10
CA PRO A 337 -17.29 -37.11 -22.85
C PRO A 337 -18.52 -36.81 -22.02
N ALA A 338 -18.43 -36.89 -20.69
CA ALA A 338 -19.57 -36.54 -19.85
C ALA A 338 -19.93 -35.06 -19.99
N VAL A 339 -18.96 -34.22 -20.32
CA VAL A 339 -19.18 -32.79 -20.45
C VAL A 339 -19.12 -32.33 -21.91
N PHE A 340 -18.37 -33.03 -22.76
CA PHE A 340 -18.19 -32.64 -24.16
C PHE A 340 -18.46 -33.88 -25.02
N PRO A 341 -19.73 -34.19 -25.28
CA PRO A 341 -20.04 -35.31 -26.18
C PRO A 341 -19.36 -35.12 -27.53
N ASP A 342 -18.96 -36.23 -28.15
CA ASP A 342 -18.06 -36.21 -29.30
C ASP A 342 -16.85 -35.34 -28.94
N PRO A 343 -16.11 -35.71 -27.87
CA PRO A 343 -15.15 -34.75 -27.28
C PRO A 343 -14.00 -34.37 -28.19
N ASP A 344 -13.63 -35.20 -29.16
CA ASP A 344 -12.48 -34.91 -30.00
C ASP A 344 -12.85 -34.06 -31.21
N ALA A 345 -14.10 -33.62 -31.32
CA ALA A 345 -14.57 -32.88 -32.48
C ALA A 345 -14.98 -31.46 -32.12
N VAL A 346 -14.79 -30.57 -33.08
CA VAL A 346 -15.34 -29.22 -33.00
C VAL A 346 -16.85 -29.32 -33.11
N ARG A 347 -17.56 -28.79 -32.09
CA ARG A 347 -19.01 -28.69 -32.12
C ARG A 347 -19.37 -27.25 -31.81
N LEU A 348 -20.06 -26.59 -32.74
CA LEU A 348 -20.24 -25.16 -32.68
C LEU A 348 -21.46 -24.74 -31.85
N THR A 349 -22.16 -25.69 -31.24
CA THR A 349 -23.36 -25.40 -30.47
C THR A 349 -23.17 -25.70 -28.98
N ARG A 350 -21.94 -25.91 -28.54
CA ARG A 350 -21.71 -26.18 -27.13
C ARG A 350 -21.91 -24.92 -26.30
N ARG A 351 -22.22 -25.12 -25.03
CA ARG A 351 -22.30 -24.01 -24.09
C ARG A 351 -20.92 -23.41 -23.87
N ARG A 352 -20.85 -22.08 -23.90
CA ARG A 352 -19.60 -21.36 -23.65
C ARG A 352 -19.22 -21.45 -22.19
N GLY A 353 -17.95 -21.19 -21.92
CA GLY A 353 -17.48 -21.11 -20.55
C GLY A 353 -17.27 -22.43 -19.84
N LEU A 354 -17.09 -23.51 -20.58
CA LEU A 354 -16.91 -24.83 -19.99
C LEU A 354 -15.46 -25.27 -19.94
N HIS A 355 -14.70 -25.02 -21.01
CA HIS A 355 -13.36 -25.59 -21.10
C HIS A 355 -12.43 -25.02 -20.03
N LEU A 356 -11.41 -25.81 -19.71
CA LEU A 356 -10.46 -25.48 -18.66
C LEU A 356 -9.08 -25.11 -19.21
N ALA A 357 -8.98 -24.81 -20.50
CA ALA A 357 -7.68 -24.55 -21.10
C ALA A 357 -7.02 -23.29 -20.56
N PHE A 358 -7.79 -22.38 -19.98
CA PHE A 358 -7.26 -21.20 -19.32
C PHE A 358 -7.26 -21.33 -17.80
N GLY A 359 -7.48 -22.53 -17.28
CA GLY A 359 -7.61 -22.71 -15.85
C GLY A 359 -8.98 -22.28 -15.36
N ARG A 360 -9.07 -22.12 -14.04
CA ARG A 360 -10.30 -21.65 -13.41
C ARG A 360 -9.98 -21.10 -12.03
N GLY A 361 -10.70 -20.05 -11.64
CA GLY A 361 -10.55 -19.51 -10.31
C GLY A 361 -9.50 -18.42 -10.21
N ALA A 362 -8.85 -18.35 -9.05
CA ALA A 362 -7.97 -17.22 -8.75
C ALA A 362 -6.83 -17.11 -9.74
N HIS A 363 -6.30 -18.24 -10.21
CA HIS A 363 -5.13 -18.24 -11.09
C HIS A 363 -5.49 -18.36 -12.57
N ALA A 364 -6.76 -18.23 -12.92
CA ALA A 364 -7.17 -18.30 -14.32
C ALA A 364 -6.32 -17.37 -15.17
N CYS A 365 -6.00 -17.83 -16.38
CA CYS A 365 -5.04 -17.13 -17.24
C CYS A 365 -5.29 -15.63 -17.30
N LEU A 366 -4.26 -14.86 -16.95
CA LEU A 366 -4.33 -13.42 -17.11
C LEU A 366 -4.54 -13.00 -18.55
N GLY A 367 -4.02 -13.78 -19.49
CA GLY A 367 -4.07 -13.39 -20.89
C GLY A 367 -5.13 -14.06 -21.74
N ALA A 368 -6.14 -14.64 -21.09
CA ALA A 368 -7.15 -15.38 -21.83
C ALA A 368 -7.86 -14.49 -22.84
N GLY A 369 -8.20 -13.26 -22.46
CA GLY A 369 -8.80 -12.35 -23.41
C GLY A 369 -7.85 -12.00 -24.54
N LEU A 370 -6.59 -11.74 -24.21
CA LEU A 370 -5.61 -11.44 -25.26
C LEU A 370 -5.43 -12.62 -26.20
N ALA A 371 -5.37 -13.84 -25.64
CA ALA A 371 -5.13 -15.02 -26.47
C ALA A 371 -6.32 -15.29 -27.39
N THR A 372 -7.54 -15.09 -26.89
CA THR A 372 -8.70 -15.32 -27.74
C THR A 372 -8.80 -14.25 -28.82
N LEU A 373 -8.55 -12.98 -28.47
CA LEU A 373 -8.48 -11.92 -29.46
C LEU A 373 -7.43 -12.22 -30.52
N GLN A 374 -6.25 -12.69 -30.10
CA GLN A 374 -5.17 -12.95 -31.04
C GLN A 374 -5.54 -14.09 -31.99
N LEU A 375 -6.10 -15.17 -31.45
CA LEU A 375 -6.50 -16.29 -32.30
C LEU A 375 -7.60 -15.87 -33.28
N ARG A 376 -8.52 -15.01 -32.83
CA ARG A 376 -9.56 -14.50 -33.71
C ARG A 376 -8.95 -13.76 -34.89
N GLU A 377 -7.92 -12.94 -34.64
CA GLU A 377 -7.31 -12.19 -35.72
C GLU A 377 -6.56 -13.11 -36.67
N VAL A 378 -5.97 -14.18 -36.15
CA VAL A 378 -5.30 -15.15 -37.02
C VAL A 378 -6.30 -15.80 -37.96
N LEU A 379 -7.46 -16.21 -37.44
CA LEU A 379 -8.49 -16.78 -38.30
C LEU A 379 -8.90 -15.79 -39.38
N GLY A 380 -9.09 -14.52 -39.01
CA GLY A 380 -9.45 -13.52 -39.99
C GLY A 380 -8.36 -13.31 -41.02
N ALA A 381 -7.11 -13.31 -40.59
CA ALA A 381 -6.00 -13.14 -41.53
C ALA A 381 -5.91 -14.31 -42.50
N LEU A 382 -6.16 -15.53 -42.00
CA LEU A 382 -6.13 -16.69 -42.88
C LEU A 382 -7.21 -16.59 -43.95
N ARG A 383 -8.42 -16.16 -43.58
CA ARG A 383 -9.49 -16.04 -44.56
C ARG A 383 -9.19 -14.94 -45.57
N ALA A 384 -8.69 -13.79 -45.10
CA ALA A 384 -8.37 -12.69 -46.01
C ALA A 384 -7.14 -12.99 -46.85
N GLY A 385 -6.26 -13.86 -46.37
CA GLY A 385 -5.13 -14.28 -47.17
C GLY A 385 -5.48 -15.21 -48.30
N GLY A 386 -6.60 -15.92 -48.19
CA GLY A 386 -7.04 -16.83 -49.22
C GLY A 386 -6.13 -17.99 -49.50
N LEU A 387 -5.00 -18.08 -48.82
CA LEU A 387 -4.02 -19.13 -49.11
C LEU A 387 -4.57 -20.50 -48.74
N ARG A 388 -4.09 -21.50 -49.46
CA ARG A 388 -4.45 -22.90 -49.22
C ARG A 388 -3.20 -23.59 -48.66
N LEU A 389 -3.28 -24.03 -47.41
CA LEU A 389 -2.16 -24.67 -46.72
C LEU A 389 -2.44 -26.17 -46.63
N ALA A 390 -1.68 -26.95 -47.39
CA ALA A 390 -1.84 -28.39 -47.47
C ALA A 390 -0.70 -29.10 -46.74
N PRO A 391 -0.98 -30.22 -46.07
CA PRO A 391 0.10 -30.94 -45.39
C PRO A 391 1.18 -31.38 -46.38
N ALA A 392 2.44 -31.11 -46.01
CA ALA A 392 3.59 -31.54 -46.78
C ALA A 392 4.48 -32.46 -45.94
N GLY A 393 3.86 -33.24 -45.07
CA GLY A 393 4.56 -34.09 -44.13
C GLY A 393 3.85 -34.13 -42.80
N PRO A 394 4.27 -35.04 -41.92
CA PRO A 394 3.56 -35.21 -40.65
C PRO A 394 3.88 -34.08 -39.68
N ALA A 395 2.89 -33.73 -38.86
CA ALA A 395 3.15 -32.88 -37.70
C ALA A 395 4.03 -33.66 -36.73
N ALA A 396 5.12 -33.04 -36.29
CA ALA A 396 6.05 -33.64 -35.34
C ALA A 396 5.99 -32.86 -34.04
N TYR A 397 5.93 -33.58 -32.93
CA TYR A 397 5.74 -32.97 -31.63
C TYR A 397 7.00 -33.05 -30.79
N GLU A 398 7.25 -32.00 -30.01
CA GLU A 398 8.41 -31.95 -29.15
C GLU A 398 8.21 -32.88 -27.96
N PRO A 399 9.30 -33.41 -27.40
CA PRO A 399 9.19 -34.29 -26.21
C PRO A 399 8.93 -33.50 -24.93
N THR A 400 7.77 -32.85 -24.88
CA THR A 400 7.34 -32.07 -23.73
C THR A 400 5.96 -32.58 -23.33
N ALA A 401 5.77 -32.86 -22.05
CA ALA A 401 4.54 -33.44 -21.55
C ALA A 401 3.62 -32.42 -20.89
N THR A 402 4.18 -31.53 -20.07
CA THR A 402 3.37 -30.52 -19.39
C THR A 402 2.73 -29.55 -20.37
N LEU A 403 3.52 -29.09 -21.35
CA LEU A 403 3.08 -28.16 -22.38
C LEU A 403 3.28 -28.87 -23.71
N ARG A 404 2.21 -29.00 -24.48
CA ARG A 404 2.27 -29.72 -25.76
C ARG A 404 2.62 -28.73 -26.86
N GLY A 405 3.60 -29.10 -27.68
CA GLY A 405 4.05 -28.22 -28.72
C GLY A 405 4.58 -28.96 -29.93
N LEU A 406 4.34 -28.41 -31.12
CA LEU A 406 4.87 -29.00 -32.34
C LEU A 406 6.32 -28.60 -32.53
N ALA A 407 7.15 -29.56 -32.93
CA ALA A 407 8.51 -29.27 -33.35
C ALA A 407 8.54 -28.75 -34.78
N GLU A 408 7.58 -29.17 -35.59
CA GLU A 408 7.55 -28.86 -37.01
C GLU A 408 6.14 -29.10 -37.52
N LEU A 409 5.69 -28.25 -38.44
CA LEU A 409 4.40 -28.39 -39.10
C LEU A 409 4.62 -28.08 -40.58
N PRO A 410 5.06 -29.07 -41.36
CA PRO A 410 5.41 -28.81 -42.76
C PRO A 410 4.15 -28.75 -43.63
N VAL A 411 4.05 -27.68 -44.41
CA VAL A 411 2.89 -27.43 -45.27
C VAL A 411 3.38 -26.80 -46.57
N SER A 412 2.46 -26.70 -47.54
CA SER A 412 2.69 -25.99 -48.80
C SER A 412 1.83 -24.74 -48.82
N VAL A 413 2.47 -23.58 -48.98
CA VAL A 413 1.71 -22.34 -49.15
C VAL A 413 1.10 -22.34 -50.55
N ARG A 414 -0.08 -21.75 -50.68
CA ARG A 414 -0.75 -21.68 -51.98
C ARG A 414 -1.57 -20.40 -52.13
N ILE B 34 -24.59 -5.08 19.11
CA ILE B 34 -25.76 -4.90 18.26
C ILE B 34 -26.27 -3.47 18.41
N TYR B 35 -26.66 -2.85 17.30
CA TYR B 35 -27.02 -1.43 17.31
C TYR B 35 -27.85 -1.11 16.07
N ASP B 36 -28.52 0.03 16.11
CA ASP B 36 -29.28 0.53 14.96
C ASP B 36 -28.35 1.35 14.08
N PRO B 37 -28.00 0.89 12.88
CA PRO B 37 -27.06 1.67 12.05
C PRO B 37 -27.60 3.04 11.67
N LEU B 38 -28.91 3.25 11.76
CA LEU B 38 -29.51 4.54 11.45
C LEU B 38 -29.92 5.34 12.68
N ALA B 39 -29.57 4.88 13.87
CA ALA B 39 -29.83 5.67 15.06
C ALA B 39 -29.07 7.00 14.98
N PRO B 40 -29.68 8.11 15.40
CA PRO B 40 -28.97 9.40 15.30
C PRO B 40 -27.65 9.41 16.05
N SER B 41 -27.60 8.75 17.21
CA SER B 41 -26.37 8.74 18.00
C SER B 41 -25.27 7.95 17.31
N VAL B 42 -25.62 6.88 16.61
CA VAL B 42 -24.62 6.12 15.86
C VAL B 42 -24.16 6.93 14.65
N ILE B 43 -25.11 7.52 13.92
CA ILE B 43 -24.78 8.35 12.78
C ILE B 43 -23.87 9.50 13.18
N ALA B 44 -24.04 10.03 14.39
CA ALA B 44 -23.25 11.17 14.83
C ALA B 44 -21.77 10.82 14.89
N ASP B 45 -21.44 9.58 15.27
CA ASP B 45 -20.07 9.10 15.27
C ASP B 45 -20.09 7.58 15.36
N PRO B 46 -20.04 6.88 14.23
CA PRO B 46 -20.17 5.41 14.27
C PRO B 46 -18.92 4.68 14.70
N TYR B 47 -17.77 5.34 14.76
CA TYR B 47 -16.49 4.65 14.92
C TYR B 47 -16.35 4.00 16.29
N PRO B 48 -16.82 4.62 17.38
CA PRO B 48 -16.82 3.89 18.66
C PRO B 48 -17.66 2.62 18.62
N PHE B 49 -18.76 2.63 17.85
CA PHE B 49 -19.58 1.43 17.71
C PHE B 49 -18.85 0.38 16.87
N TYR B 50 -18.21 0.81 15.78
CA TYR B 50 -17.39 -0.11 15.00
C TYR B 50 -16.35 -0.80 15.86
N ARG B 51 -15.65 0.00 16.68
CA ARG B 51 -14.58 -0.54 17.53
C ARG B 51 -15.13 -1.56 18.51
N LYS B 52 -16.25 -1.24 19.16
CA LYS B 52 -16.86 -2.19 20.08
C LYS B 52 -17.21 -3.49 19.36
N LEU B 53 -17.76 -3.40 18.15
CA LEU B 53 -18.06 -4.59 17.38
C LEU B 53 -16.78 -5.35 17.04
N ARG B 54 -15.75 -4.64 16.58
CA ARG B 54 -14.53 -5.29 16.14
C ARG B 54 -13.79 -5.95 17.30
N GLU B 55 -13.91 -5.38 18.50
CA GLU B 55 -13.21 -5.94 19.65
C GLU B 55 -13.87 -7.22 20.14
N THR B 56 -15.16 -7.38 19.90
CA THR B 56 -15.90 -8.55 20.37
C THR B 56 -15.93 -9.67 19.34
N ASN B 57 -16.12 -9.34 18.06
CA ASN B 57 -16.10 -10.36 17.02
C ASN B 57 -15.95 -9.66 15.68
N THR B 58 -14.88 -9.99 14.94
CA THR B 58 -14.64 -9.35 13.64
C THR B 58 -15.65 -9.80 12.59
N VAL B 59 -16.37 -10.89 12.84
CA VAL B 59 -17.37 -11.41 11.90
C VAL B 59 -18.61 -11.73 12.74
N HIS B 60 -19.57 -10.82 12.75
N HIS B 60 -19.51 -10.76 12.85
CA HIS B 60 -20.73 -10.90 13.64
CA HIS B 60 -20.75 -10.90 13.59
C HIS B 60 -22.01 -11.12 12.82
C HIS B 60 -21.86 -11.37 12.68
N TRP B 61 -22.82 -12.09 13.25
CA TRP B 61 -24.09 -12.38 12.59
C TRP B 61 -25.13 -11.39 13.09
N HIS B 62 -25.75 -10.65 12.18
CA HIS B 62 -26.83 -9.71 12.49
C HIS B 62 -28.14 -10.39 12.09
N GLU B 63 -28.86 -10.91 13.09
CA GLU B 63 -29.99 -11.79 12.80
C GLU B 63 -31.17 -11.05 12.18
N PHE B 64 -31.32 -9.76 12.46
CA PHE B 64 -32.46 -9.02 11.93
C PHE B 64 -32.22 -8.52 10.52
N LEU B 65 -30.99 -8.20 10.17
CA LEU B 65 -30.62 -7.90 8.80
C LEU B 65 -30.28 -9.16 8.00
N ASP B 66 -30.17 -10.31 8.66
CA ASP B 66 -29.85 -11.57 8.01
C ASP B 66 -28.57 -11.44 7.18
N SER B 67 -27.52 -10.96 7.84
CA SER B 67 -26.26 -10.71 7.17
C SER B 67 -25.11 -10.78 8.17
N TRP B 68 -23.94 -11.18 7.67
CA TRP B 68 -22.70 -11.07 8.43
C TRP B 68 -22.21 -9.63 8.39
N VAL B 69 -21.72 -9.16 9.53
CA VAL B 69 -21.10 -7.84 9.65
C VAL B 69 -19.62 -8.06 9.93
N VAL B 70 -18.77 -7.61 9.02
CA VAL B 70 -17.35 -7.89 9.04
C VAL B 70 -16.62 -6.57 9.29
N THR B 71 -15.95 -6.47 10.45
CA THR B 71 -15.25 -5.26 10.83
C THR B 71 -13.73 -5.42 10.92
N GLY B 72 -13.20 -6.63 10.81
CA GLY B 72 -11.77 -6.83 10.83
C GLY B 72 -11.14 -6.56 9.48
N TYR B 73 -9.93 -5.99 9.51
CA TYR B 73 -9.24 -5.65 8.27
C TYR B 73 -8.91 -6.90 7.46
N ALA B 74 -8.32 -7.90 8.11
CA ALA B 74 -7.95 -9.13 7.40
C ALA B 74 -9.16 -9.79 6.78
N GLU B 75 -10.29 -9.78 7.49
CA GLU B 75 -11.50 -10.42 6.96
C GLU B 75 -12.09 -9.61 5.80
N CYS B 76 -12.15 -8.29 5.93
CA CYS B 76 -12.65 -7.48 4.82
C CYS B 76 -11.75 -7.65 3.59
N ARG B 77 -10.44 -7.64 3.80
CA ARG B 77 -9.51 -7.81 2.70
C ARG B 77 -9.70 -9.16 2.03
N GLN B 78 -9.88 -10.21 2.83
CA GLN B 78 -10.09 -11.55 2.28
C GLN B 78 -11.30 -11.59 1.37
N VAL B 79 -12.44 -11.11 1.87
CA VAL B 79 -13.68 -11.23 1.11
C VAL B 79 -13.61 -10.38 -0.16
N LEU B 80 -13.04 -9.19 -0.07
CA LEU B 80 -12.97 -8.31 -1.22
C LEU B 80 -12.14 -8.94 -2.35
N GLY B 81 -11.06 -9.61 -2.00
CA GLY B 81 -10.17 -10.17 -2.99
C GLY B 81 -10.57 -11.51 -3.57
N ASP B 82 -11.52 -12.20 -2.96
CA ASP B 82 -11.88 -13.56 -3.35
C ASP B 82 -13.20 -13.53 -4.11
N THR B 83 -13.12 -13.30 -5.42
CA THR B 83 -14.31 -13.33 -6.25
C THR B 83 -14.73 -14.74 -6.64
N THR B 84 -13.93 -15.75 -6.33
CA THR B 84 -14.35 -17.13 -6.59
C THR B 84 -15.40 -17.57 -5.58
N ASN B 85 -15.23 -17.21 -4.31
CA ASN B 85 -16.14 -17.63 -3.25
C ASN B 85 -17.10 -16.54 -2.80
N PHE B 86 -16.82 -15.27 -3.09
CA PHE B 86 -17.69 -14.16 -2.72
C PHE B 86 -17.90 -13.28 -3.93
N GLY B 87 -19.15 -12.90 -4.19
CA GLY B 87 -19.50 -12.25 -5.43
C GLY B 87 -20.35 -11.00 -5.23
N SER B 88 -20.42 -10.22 -6.32
CA SER B 88 -21.34 -9.11 -6.45
C SER B 88 -22.46 -9.38 -7.45
N ASP B 89 -22.35 -10.47 -8.21
CA ASP B 89 -23.35 -10.86 -9.21
C ASP B 89 -24.26 -11.90 -8.57
N PHE B 90 -25.46 -11.46 -8.17
CA PHE B 90 -26.37 -12.35 -7.46
C PHE B 90 -26.87 -13.51 -8.32
N ARG B 91 -26.71 -13.41 -9.65
CA ARG B 91 -27.06 -14.54 -10.50
C ARG B 91 -26.25 -15.79 -10.15
N ARG B 92 -25.12 -15.61 -9.48
CA ARG B 92 -24.28 -16.73 -9.08
C ARG B 92 -24.86 -17.51 -7.90
N ILE B 93 -25.88 -16.97 -7.23
CA ILE B 93 -26.62 -17.74 -6.23
C ILE B 93 -28.05 -17.88 -6.70
N ASP B 94 -28.25 -17.95 -8.01
CA ASP B 94 -29.54 -18.27 -8.63
C ASP B 94 -30.60 -17.20 -8.39
N VAL B 95 -30.18 -15.94 -8.26
CA VAL B 95 -31.13 -14.82 -8.18
C VAL B 95 -31.33 -14.28 -9.58
N GLU B 96 -32.58 -14.11 -9.98
CA GLU B 96 -32.90 -13.62 -11.31
C GLU B 96 -32.49 -12.16 -11.43
N ILE B 97 -31.62 -11.85 -12.39
CA ILE B 97 -31.23 -10.48 -12.69
C ILE B 97 -31.39 -10.26 -14.19
N PRO B 98 -32.27 -9.36 -14.62
CA PRO B 98 -32.40 -9.12 -16.07
C PRO B 98 -31.10 -8.57 -16.66
N ASP B 99 -30.87 -8.89 -17.94
CA ASP B 99 -29.65 -8.44 -18.60
C ASP B 99 -29.59 -6.93 -18.69
N THR B 100 -30.75 -6.27 -18.79
CA THR B 100 -30.78 -4.82 -18.92
C THR B 100 -30.29 -4.10 -17.68
N GLN B 101 -30.21 -4.78 -16.54
CA GLN B 101 -29.81 -4.16 -15.28
C GLN B 101 -28.38 -4.51 -14.88
N LEU B 102 -27.63 -5.21 -15.74
CA LEU B 102 -26.27 -5.56 -15.44
C LEU B 102 -25.35 -4.36 -15.57
N SER B 103 -24.34 -4.29 -14.72
CA SER B 103 -23.44 -3.15 -14.67
C SER B 103 -22.08 -3.62 -14.16
N VAL B 104 -21.08 -2.76 -14.31
CA VAL B 104 -19.73 -3.13 -13.90
C VAL B 104 -19.71 -3.56 -12.45
N GLN B 105 -20.48 -2.88 -11.59
CA GLN B 105 -20.42 -3.19 -10.17
C GLN B 105 -21.12 -4.50 -9.83
N SER B 106 -21.95 -5.03 -10.73
CA SER B 106 -22.70 -6.26 -10.49
C SER B 106 -22.26 -7.42 -11.39
N LEU B 107 -21.10 -7.30 -12.02
CA LEU B 107 -20.49 -8.39 -12.78
C LEU B 107 -19.22 -8.83 -12.09
N ASP B 108 -18.91 -10.11 -12.18
CA ASP B 108 -17.70 -10.66 -11.57
C ASP B 108 -16.80 -11.25 -12.65
N PRO B 109 -15.51 -11.43 -12.35
CA PRO B 109 -14.61 -12.03 -13.34
C PRO B 109 -15.08 -13.42 -13.71
N PRO B 110 -14.85 -13.85 -14.96
CA PRO B 110 -14.15 -13.14 -16.04
C PRO B 110 -15.02 -12.14 -16.79
N GLU B 111 -16.35 -12.25 -16.70
CA GLU B 111 -17.23 -11.37 -17.45
C GLU B 111 -16.98 -9.90 -17.11
N HIS B 112 -16.62 -9.63 -15.85
CA HIS B 112 -16.39 -8.26 -15.40
C HIS B 112 -15.24 -7.60 -16.16
N GLY B 113 -14.28 -8.40 -16.62
CA GLY B 113 -13.08 -7.83 -17.23
C GLY B 113 -13.35 -7.01 -18.48
N ALA B 114 -14.37 -7.38 -19.26
CA ALA B 114 -14.63 -6.69 -20.51
C ALA B 114 -15.00 -5.23 -20.25
N ILE B 115 -16.08 -5.01 -19.48
CA ILE B 115 -16.50 -3.63 -19.20
C ILE B 115 -15.44 -2.91 -18.39
N ARG B 116 -14.80 -3.63 -17.45
CA ARG B 116 -13.73 -3.03 -16.66
C ARG B 116 -12.61 -2.54 -17.54
N HIS B 117 -12.17 -3.37 -18.50
CA HIS B 117 -11.11 -2.96 -19.40
C HIS B 117 -11.54 -1.75 -20.22
N LEU B 118 -12.79 -1.74 -20.68
CA LEU B 118 -13.32 -0.61 -21.44
C LEU B 118 -13.22 0.68 -20.63
N LEU B 119 -13.70 0.64 -19.38
CA LEU B 119 -13.71 1.84 -18.56
C LEU B 119 -12.30 2.30 -18.18
N VAL B 120 -11.42 1.36 -17.84
CA VAL B 120 -10.07 1.72 -17.42
C VAL B 120 -9.30 2.33 -18.58
N SER B 121 -9.43 1.75 -19.77
CA SER B 121 -8.76 2.31 -20.95
C SER B 121 -9.23 3.73 -21.22
N ALA B 122 -10.54 3.96 -21.15
CA ALA B 122 -11.08 5.28 -21.42
C ALA B 122 -10.62 6.30 -20.38
N LEU B 123 -10.45 5.88 -19.13
CA LEU B 123 -9.99 6.80 -18.10
C LEU B 123 -8.65 7.42 -18.45
N HIS B 124 -7.72 6.62 -18.99
CA HIS B 124 -6.38 7.09 -19.28
C HIS B 124 -6.26 7.82 -20.62
N GLU B 125 -7.32 7.83 -21.44
CA GLU B 125 -7.29 8.69 -22.63
C GLU B 125 -7.35 10.16 -22.24
N GLN B 126 -7.61 10.47 -20.98
CA GLN B 126 -7.74 11.84 -20.50
C GLN B 126 -6.35 12.40 -20.17
N PRO B 127 -5.93 13.51 -20.78
CA PRO B 127 -4.62 14.07 -20.44
C PRO B 127 -4.61 14.60 -19.01
N LEU B 128 -3.62 14.16 -18.23
CA LEU B 128 -3.60 14.47 -16.81
C LEU B 128 -3.44 15.97 -16.55
N SER B 129 -2.67 16.67 -17.40
CA SER B 129 -2.52 18.10 -17.22
C SER B 129 -3.87 18.81 -17.30
N THR B 130 -4.71 18.41 -18.26
CA THR B 130 -6.03 19.02 -18.38
C THR B 130 -6.89 18.69 -17.18
N VAL B 131 -6.88 17.43 -16.74
CA VAL B 131 -7.74 17.02 -15.63
C VAL B 131 -7.37 17.77 -14.37
N ARG B 132 -6.07 17.88 -14.06
CA ARG B 132 -5.69 18.59 -12.86
C ARG B 132 -6.07 20.06 -12.94
N GLN B 133 -5.83 20.69 -14.09
CA GLN B 133 -6.15 22.10 -14.24
C GLN B 133 -7.65 22.34 -14.07
N GLN B 134 -8.47 21.46 -14.63
CA GLN B 134 -9.91 21.60 -14.46
C GLN B 134 -10.31 21.40 -13.00
N PHE B 135 -9.79 20.34 -12.37
CA PHE B 135 -10.13 20.08 -10.98
C PHE B 135 -9.67 21.22 -10.07
N ALA B 136 -8.46 21.74 -10.32
CA ALA B 136 -7.94 22.82 -9.49
C ALA B 136 -8.73 24.11 -9.70
N ALA B 137 -9.11 24.40 -10.96
CA ALA B 137 -9.86 25.61 -11.23
C ALA B 137 -11.23 25.55 -10.55
N ILE B 138 -11.89 24.40 -10.62
CA ILE B 138 -13.22 24.26 -10.01
C ILE B 138 -13.13 24.49 -8.50
N ALA B 139 -12.15 23.84 -7.86
CA ALA B 139 -11.99 23.99 -6.42
C ALA B 139 -11.69 25.43 -6.04
N ALA B 140 -10.80 26.09 -6.80
CA ALA B 140 -10.44 27.47 -6.48
C ALA B 140 -11.62 28.41 -6.69
N GLN B 141 -12.42 28.18 -7.73
CA GLN B 141 -13.55 29.05 -8.02
C GLN B 141 -14.57 29.03 -6.87
N HIS B 142 -14.92 27.83 -6.39
CA HIS B 142 -15.93 27.75 -5.35
C HIS B 142 -15.39 28.19 -4.00
N LEU B 143 -14.08 28.07 -3.79
CA LEU B 143 -13.50 28.61 -2.56
C LEU B 143 -13.49 30.14 -2.59
N ALA B 144 -13.10 30.72 -3.73
CA ALA B 144 -13.08 32.18 -3.83
C ALA B 144 -14.48 32.78 -3.67
N GLU B 145 -15.50 32.09 -4.17
CA GLU B 145 -16.87 32.59 -4.02
C GLU B 145 -17.30 32.67 -2.57
N LEU B 146 -16.57 32.00 -1.66
CA LEU B 146 -16.88 32.09 -0.24
C LEU B 146 -16.29 33.33 0.43
N SER B 147 -15.28 33.95 -0.16
CA SER B 147 -14.69 35.14 0.44
C SER B 147 -15.72 36.26 0.48
N GLY B 148 -15.68 37.04 1.56
CA GLY B 148 -16.60 38.15 1.74
C GLY B 148 -18.00 37.75 2.18
N GLN B 149 -18.31 36.48 2.24
CA GLN B 149 -19.64 36.05 2.65
C GLN B 149 -19.80 36.22 4.16
N PRO B 150 -20.70 37.09 4.62
CA PRO B 150 -20.84 37.28 6.07
C PRO B 150 -21.56 36.12 6.72
N GLY B 151 -21.38 36.01 8.02
CA GLY B 151 -22.09 35.00 8.76
C GLY B 151 -21.60 33.59 8.48
N THR B 152 -22.45 32.63 8.86
CA THR B 152 -22.13 31.22 8.69
C THR B 152 -22.42 30.78 7.27
N VAL B 153 -21.54 29.92 6.75
CA VAL B 153 -21.70 29.34 5.44
C VAL B 153 -21.63 27.83 5.60
N ASP B 154 -22.42 27.11 4.80
CA ASP B 154 -22.43 25.65 4.80
C ASP B 154 -21.53 25.13 3.69
N LEU B 155 -20.45 24.45 4.07
CA LEU B 155 -19.50 23.95 3.09
C LEU B 155 -20.03 22.76 2.29
N VAL B 156 -21.06 22.07 2.78
CA VAL B 156 -21.64 20.97 2.01
C VAL B 156 -22.30 21.52 0.76
N SER B 157 -23.27 22.41 0.94
CA SER B 157 -24.03 22.92 -0.21
C SER B 157 -23.26 23.97 -1.00
N ARG B 158 -22.31 24.67 -0.38
CA ARG B 158 -21.59 25.74 -1.06
C ARG B 158 -20.24 25.31 -1.63
N PHE B 159 -19.73 24.15 -1.23
CA PHE B 159 -18.44 23.71 -1.78
C PHE B 159 -18.43 22.23 -2.17
N ALA B 160 -18.65 21.35 -1.20
CA ALA B 160 -18.47 19.91 -1.45
C ALA B 160 -19.31 19.44 -2.63
N ARG B 161 -20.60 19.79 -2.63
CA ARG B 161 -21.48 19.27 -3.68
C ARG B 161 -21.24 19.94 -5.03
N PRO B 162 -21.23 21.27 -5.14
CA PRO B 162 -20.98 21.87 -6.48
C PRO B 162 -19.62 21.51 -7.04
N VAL B 163 -18.60 21.44 -6.19
CA VAL B 163 -17.28 21.03 -6.67
C VAL B 163 -17.33 19.60 -7.19
N ALA B 164 -17.96 18.71 -6.42
CA ALA B 164 -18.06 17.31 -6.86
C ALA B 164 -18.84 17.20 -8.17
N LEU B 165 -19.93 17.96 -8.30
CA LEU B 165 -20.76 17.85 -9.49
C LEU B 165 -20.06 18.40 -10.72
N ARG B 166 -19.43 19.57 -10.60
CA ARG B 166 -18.72 20.13 -11.74
C ARG B 166 -17.47 19.31 -12.07
N THR B 167 -16.83 18.74 -11.05
CA THR B 167 -15.65 17.92 -11.28
C THR B 167 -15.99 16.67 -12.10
N ILE B 168 -17.03 15.95 -11.71
CA ILE B 168 -17.35 14.71 -12.39
C ILE B 168 -17.83 14.98 -13.81
N THR B 169 -18.65 16.02 -13.98
CA THR B 169 -19.17 16.31 -15.33
C THR B 169 -18.11 16.91 -16.22
N ALA B 170 -17.16 17.68 -15.68
CA ALA B 170 -16.02 18.13 -16.45
C ALA B 170 -15.21 16.93 -16.94
N PHE B 171 -14.95 15.98 -16.05
CA PHE B 171 -14.24 14.76 -16.45
C PHE B 171 -15.03 13.99 -17.49
N LEU B 172 -16.36 13.91 -17.33
CA LEU B 172 -17.18 13.21 -18.31
C LEU B 172 -17.27 13.97 -19.63
N GLY B 173 -17.06 15.28 -19.60
CA GLY B 173 -17.20 16.08 -20.81
C GLY B 173 -18.62 16.46 -21.13
N VAL B 174 -19.43 16.74 -20.11
CA VAL B 174 -20.84 17.06 -20.31
C VAL B 174 -21.19 18.27 -19.46
N PRO B 175 -22.24 18.99 -19.83
CA PRO B 175 -22.66 20.16 -19.03
C PRO B 175 -23.24 19.73 -17.70
N PRO B 176 -22.96 20.47 -16.62
CA PRO B 176 -23.47 20.08 -15.31
C PRO B 176 -24.98 20.24 -15.27
N PRO B 177 -25.71 19.24 -14.75
CA PRO B 177 -27.14 19.45 -14.50
C PRO B 177 -27.32 20.41 -13.33
N ASP B 178 -28.58 20.80 -13.12
CA ASP B 178 -28.88 21.68 -11.99
C ASP B 178 -28.42 21.03 -10.69
N GLY B 179 -27.68 21.79 -9.88
CA GLY B 179 -27.08 21.22 -8.68
C GLY B 179 -28.11 20.78 -7.65
N ALA B 180 -29.06 21.67 -7.36
CA ALA B 180 -30.12 21.33 -6.41
C ALA B 180 -30.92 20.13 -6.90
N GLY B 181 -31.29 20.13 -8.18
CA GLY B 181 -32.05 19.01 -8.71
C GLY B 181 -31.29 17.71 -8.66
N PHE B 182 -30.01 17.74 -9.02
CA PHE B 182 -29.22 16.51 -9.06
C PHE B 182 -29.00 15.95 -7.66
N GLU B 183 -28.82 16.82 -6.66
CA GLU B 183 -28.65 16.35 -5.30
C GLU B 183 -29.90 15.65 -4.80
N GLN B 184 -31.08 16.14 -5.22
CA GLN B 184 -32.33 15.48 -4.84
C GLN B 184 -32.35 14.03 -5.33
N TRP B 185 -32.00 13.83 -6.61
CA TRP B 185 -31.91 12.48 -7.16
C TRP B 185 -30.85 11.67 -6.43
N SER B 186 -29.65 12.24 -6.29
CA SER B 186 -28.55 11.53 -5.65
C SER B 186 -28.91 11.14 -4.22
N ASN B 187 -29.50 12.07 -3.48
CA ASN B 187 -29.92 11.78 -2.10
C ASN B 187 -30.82 10.56 -2.05
N ALA B 188 -31.80 10.49 -2.97
CA ALA B 188 -32.70 9.34 -2.99
C ALA B 188 -31.94 8.05 -3.24
N ILE B 189 -30.96 8.08 -4.14
CA ILE B 189 -30.21 6.88 -4.46
C ILE B 189 -29.36 6.45 -3.27
N VAL B 190 -28.68 7.41 -2.64
CA VAL B 190 -27.82 7.06 -1.49
C VAL B 190 -28.66 6.49 -0.35
N ARG B 191 -29.82 7.10 -0.07
CA ARG B 191 -30.69 6.56 0.97
C ARG B 191 -31.18 5.17 0.60
N SER B 192 -31.40 4.89 -0.68
CA SER B 192 -31.90 3.58 -1.08
C SER B 192 -30.88 2.47 -0.83
N MET B 193 -29.60 2.82 -0.65
CA MET B 193 -28.60 1.83 -0.29
C MET B 193 -28.88 1.22 1.07
N ASP B 194 -29.68 1.89 1.90
CA ASP B 194 -30.06 1.38 3.22
C ASP B 194 -31.42 0.69 3.20
N ALA B 195 -31.91 0.31 2.02
CA ALA B 195 -33.25 -0.26 1.93
C ALA B 195 -33.36 -1.59 2.68
N GLY B 196 -32.26 -2.30 2.87
CA GLY B 196 -32.29 -3.48 3.71
C GLY B 196 -32.65 -3.16 5.14
N ILE B 197 -32.41 -1.92 5.58
CA ILE B 197 -32.77 -1.48 6.92
C ILE B 197 -34.16 -0.86 6.93
N GLU B 198 -34.44 0.05 6.00
CA GLU B 198 -35.74 0.69 5.84
C GLU B 198 -36.23 0.43 4.42
N PRO B 199 -37.04 -0.60 4.19
CA PRO B 199 -37.39 -0.94 2.79
C PRO B 199 -38.05 0.19 2.00
N ALA B 200 -38.71 1.13 2.66
CA ALA B 200 -39.37 2.21 1.93
C ALA B 200 -38.39 3.09 1.17
N ARG B 201 -37.10 3.04 1.49
CA ARG B 201 -36.11 3.85 0.79
C ARG B 201 -35.81 3.33 -0.62
N ALA B 202 -36.29 2.14 -0.96
CA ALA B 202 -35.96 1.56 -2.26
C ALA B 202 -36.62 2.34 -3.40
N GLU B 203 -37.89 2.67 -3.26
CA GLU B 203 -38.64 3.16 -4.41
C GLU B 203 -38.18 4.55 -4.86
N PRO B 204 -37.97 5.50 -3.94
CA PRO B 204 -37.42 6.80 -4.41
C PRO B 204 -36.10 6.65 -5.17
N GLY B 205 -35.26 5.69 -4.74
CA GLY B 205 -34.02 5.46 -5.46
C GLY B 205 -34.24 4.89 -6.85
N ASN B 206 -35.21 3.98 -6.98
CA ASN B 206 -35.51 3.41 -8.30
C ASN B 206 -35.94 4.49 -9.26
N GLN B 207 -36.73 5.46 -8.79
CA GLN B 207 -37.18 6.54 -9.65
C GLN B 207 -36.02 7.45 -10.03
N ALA B 208 -35.12 7.72 -9.09
CA ALA B 208 -33.97 8.57 -9.37
C ALA B 208 -32.98 7.89 -10.32
N ARG B 209 -32.81 6.58 -10.18
CA ARG B 209 -31.93 5.87 -11.09
C ARG B 209 -32.41 5.99 -12.54
N ALA B 210 -33.71 5.77 -12.76
CA ALA B 210 -34.26 5.92 -14.10
C ALA B 210 -34.00 7.31 -14.64
N GLU B 211 -34.01 8.32 -13.76
CA GLU B 211 -33.73 9.69 -14.20
C GLU B 211 -32.28 9.84 -14.63
N LEU B 212 -31.35 9.27 -13.86
CA LEU B 212 -29.94 9.30 -14.26
C LEU B 212 -29.70 8.47 -15.51
N SER B 213 -30.49 7.42 -15.72
CA SER B 213 -30.35 6.64 -16.95
C SER B 213 -30.69 7.48 -18.18
N ARG B 214 -31.77 8.26 -18.10
CA ARG B 214 -32.13 9.09 -19.25
C ARG B 214 -31.03 10.11 -19.53
N LEU B 215 -30.41 10.63 -18.48
CA LEU B 215 -29.32 11.60 -18.64
C LEU B 215 -28.12 10.94 -19.31
N VAL B 216 -27.78 9.72 -18.90
CA VAL B 216 -26.64 9.03 -19.51
C VAL B 216 -26.93 8.66 -20.96
N THR B 217 -28.17 8.31 -21.28
CA THR B 217 -28.51 7.98 -22.66
C THR B 217 -28.33 9.20 -23.56
N HIS B 218 -28.72 10.38 -23.09
CA HIS B 218 -28.52 11.58 -23.89
C HIS B 218 -27.04 11.88 -24.10
N TRP B 219 -26.24 11.74 -23.04
CA TRP B 219 -24.82 12.03 -23.16
C TRP B 219 -24.13 11.08 -24.13
N LEU B 220 -24.48 9.80 -24.07
CA LEU B 220 -23.87 8.84 -24.99
C LEU B 220 -24.16 9.21 -26.43
N ALA B 221 -25.38 9.67 -26.71
CA ALA B 221 -25.75 9.99 -28.08
C ALA B 221 -25.17 11.33 -28.54
N GLU B 222 -24.93 12.27 -27.63
CA GLU B 222 -24.63 13.63 -28.04
C GLU B 222 -23.38 14.24 -27.42
N ALA B 223 -22.74 13.60 -26.45
CA ALA B 223 -21.65 14.23 -25.72
C ALA B 223 -20.40 14.36 -26.58
N ASP B 224 -19.64 15.42 -26.32
CA ASP B 224 -18.38 15.68 -27.01
C ASP B 224 -17.42 14.50 -26.87
N GLU B 225 -16.50 14.40 -27.84
CA GLU B 225 -15.49 13.36 -27.86
C GLU B 225 -14.37 13.55 -26.85
N ARG B 226 -14.21 14.75 -26.29
CA ARG B 226 -13.03 15.06 -25.48
C ARG B 226 -13.13 14.61 -24.03
N GLY B 227 -14.27 14.09 -23.59
CA GLY B 227 -14.47 13.65 -22.23
C GLY B 227 -14.52 12.13 -22.08
N PHE B 228 -14.70 11.71 -20.83
CA PHE B 228 -14.74 10.28 -20.51
C PHE B 228 -15.90 9.59 -21.22
N VAL B 229 -17.04 10.27 -21.38
CA VAL B 229 -18.14 9.67 -22.12
C VAL B 229 -17.71 9.41 -23.56
N GLY B 230 -17.08 10.40 -24.19
CA GLY B 230 -16.55 10.20 -25.52
C GLY B 230 -15.51 9.09 -25.58
N ALA B 231 -14.64 9.02 -24.56
CA ALA B 231 -13.61 8.00 -24.54
C ALA B 231 -14.20 6.61 -24.31
N ALA B 232 -15.17 6.49 -23.42
CA ALA B 232 -15.83 5.20 -23.21
C ALA B 232 -16.53 4.74 -24.48
N ARG B 233 -17.15 5.67 -25.21
CA ARG B 233 -17.81 5.33 -26.46
C ARG B 233 -16.83 4.81 -27.49
N ARG B 234 -15.68 5.47 -27.63
CA ARG B 234 -14.67 4.99 -28.56
C ARG B 234 -14.15 3.61 -28.12
N ALA B 235 -13.82 3.48 -26.83
CA ALA B 235 -13.32 2.21 -26.33
C ALA B 235 -14.32 1.08 -26.57
N ALA B 236 -15.62 1.39 -26.47
CA ALA B 236 -16.64 0.37 -26.69
C ALA B 236 -16.61 -0.16 -28.11
N ARG B 237 -16.15 0.63 -29.06
CA ARG B 237 -16.08 0.18 -30.45
C ARG B 237 -15.03 -0.91 -30.64
N ALA B 238 -14.08 -1.04 -29.72
CA ALA B 238 -13.08 -2.10 -29.80
C ALA B 238 -13.52 -3.39 -29.14
N GLN B 239 -14.66 -3.40 -28.45
CA GLN B 239 -15.14 -4.62 -27.81
C GLN B 239 -16.60 -4.90 -28.16
N ASP B 240 -17.20 -5.88 -27.50
CA ASP B 240 -18.60 -6.24 -27.68
C ASP B 240 -19.33 -6.24 -26.33
N VAL B 241 -19.20 -5.15 -25.59
CA VAL B 241 -19.95 -5.00 -24.35
C VAL B 241 -21.38 -4.59 -24.68
N PRO B 242 -22.39 -5.24 -24.11
CA PRO B 242 -23.78 -4.86 -24.41
C PRO B 242 -24.04 -3.41 -24.02
N ALA B 243 -24.93 -2.77 -24.77
CA ALA B 243 -25.18 -1.34 -24.60
C ALA B 243 -25.69 -1.02 -23.21
N ALA B 244 -26.48 -1.93 -22.61
CA ALA B 244 -27.04 -1.67 -21.29
C ALA B 244 -25.96 -1.69 -20.22
N VAL B 245 -24.98 -2.58 -20.36
CA VAL B 245 -23.88 -2.62 -19.39
C VAL B 245 -23.05 -1.34 -19.48
N LEU B 246 -22.81 -0.85 -20.69
CA LEU B 246 -22.06 0.39 -20.85
C LEU B 246 -22.83 1.55 -20.23
N ALA B 247 -24.11 1.69 -20.58
CA ALA B 247 -24.91 2.80 -20.06
C ALA B 247 -25.04 2.74 -18.55
N ASN B 248 -25.36 1.55 -18.02
CA ASN B 248 -25.47 1.41 -16.57
C ASN B 248 -24.14 1.68 -15.88
N SER B 249 -23.03 1.29 -16.52
CA SER B 249 -21.72 1.49 -15.91
C SER B 249 -21.34 2.97 -15.90
N LEU B 250 -21.65 3.69 -16.98
CA LEU B 250 -21.43 5.13 -16.99
C LEU B 250 -22.32 5.84 -15.97
N ARG B 251 -23.54 5.35 -15.78
CA ARG B 251 -24.39 5.88 -14.71
C ARG B 251 -23.73 5.66 -13.36
N ALA B 252 -23.09 4.51 -13.17
CA ALA B 252 -22.34 4.26 -11.93
C ALA B 252 -21.17 5.22 -11.80
N VAL B 253 -20.46 5.48 -12.90
CA VAL B 253 -19.36 6.44 -12.86
C VAL B 253 -19.87 7.81 -12.41
N LEU B 254 -20.95 8.27 -13.05
CA LEU B 254 -21.53 9.56 -12.72
C LEU B 254 -21.92 9.63 -11.25
N HIS B 255 -22.75 8.70 -10.79
CA HIS B 255 -23.28 8.85 -9.46
C HIS B 255 -22.27 8.46 -8.39
N ALA B 256 -21.53 7.37 -8.59
CA ALA B 256 -20.49 7.02 -7.64
C ALA B 256 -19.50 8.17 -7.47
N GLY B 257 -19.14 8.82 -8.58
CA GLY B 257 -18.26 9.97 -8.54
C GLY B 257 -18.83 11.11 -7.73
N TYR B 258 -20.03 11.57 -8.08
CA TYR B 258 -20.62 12.69 -7.37
C TYR B 258 -20.85 12.35 -5.90
N ALA B 259 -21.47 11.19 -5.64
CA ALA B 259 -21.88 10.87 -4.27
C ALA B 259 -20.69 10.62 -3.36
N SER B 260 -19.64 9.96 -3.88
CA SER B 260 -18.47 9.67 -3.05
C SER B 260 -17.60 10.90 -2.87
N VAL B 261 -17.37 11.64 -3.96
CA VAL B 261 -16.47 12.79 -3.88
C VAL B 261 -17.07 13.87 -2.99
N SER B 262 -18.37 14.17 -3.16
CA SER B 262 -18.98 15.21 -2.35
C SER B 262 -18.92 14.86 -0.87
N ARG B 263 -19.14 13.60 -0.53
CA ARG B 263 -19.10 13.18 0.87
C ARG B 263 -17.68 13.06 1.40
N LEU B 264 -16.72 12.69 0.55
CA LEU B 264 -15.33 12.70 0.99
C LEU B 264 -14.88 14.12 1.33
N LEU B 265 -15.21 15.08 0.46
CA LEU B 265 -14.83 16.46 0.69
C LEU B 265 -15.46 17.00 1.97
N GLY B 266 -16.73 16.66 2.21
CA GLY B 266 -17.38 17.10 3.43
C GLY B 266 -16.69 16.60 4.68
N GLY B 267 -16.40 15.30 4.73
CA GLY B 267 -15.76 14.75 5.91
C GLY B 267 -14.34 15.26 6.11
N VAL B 268 -13.58 15.37 5.02
CA VAL B 268 -12.21 15.88 5.13
C VAL B 268 -12.22 17.32 5.59
N LEU B 269 -13.10 18.13 4.99
CA LEU B 269 -13.19 19.53 5.38
C LEU B 269 -13.56 19.68 6.85
N ALA B 270 -14.46 18.82 7.33
CA ALA B 270 -14.80 18.85 8.75
C ALA B 270 -13.56 18.63 9.60
N ARG B 271 -12.67 17.74 9.16
CA ARG B 271 -11.43 17.52 9.89
C ARG B 271 -10.47 18.69 9.74
N LEU B 272 -10.35 19.22 8.52
CA LEU B 272 -9.35 20.27 8.27
C LEU B 272 -9.69 21.57 8.99
N VAL B 273 -10.96 21.95 9.03
CA VAL B 273 -11.31 23.19 9.71
C VAL B 273 -11.01 23.06 11.20
N ARG B 274 -11.19 21.86 11.76
CA ARG B 274 -10.80 21.66 13.16
C ARG B 274 -9.30 21.66 13.33
N HIS B 275 -8.56 21.11 12.36
CA HIS B 275 -7.12 20.95 12.46
C HIS B 275 -6.42 21.49 11.22
N PRO B 276 -6.40 22.81 11.06
CA PRO B 276 -5.74 23.39 9.88
C PRO B 276 -4.26 23.10 9.82
N GLU B 277 -3.63 22.70 10.93
CA GLU B 277 -2.22 22.33 10.89
C GLU B 277 -1.94 21.21 9.89
N LEU B 278 -2.96 20.41 9.57
CA LEU B 278 -2.78 19.36 8.57
C LEU B 278 -2.36 19.94 7.22
N LEU B 279 -2.69 21.20 6.98
CA LEU B 279 -2.34 21.87 5.72
C LEU B 279 -0.99 22.57 5.78
N ALA B 280 -0.34 22.62 6.93
CA ALA B 280 0.93 23.30 7.10
C ALA B 280 2.14 22.39 6.91
N GLY B 281 1.97 21.26 6.25
CA GLY B 281 3.06 20.33 6.04
C GLY B 281 3.97 20.76 4.90
N PRO B 282 4.88 19.88 4.49
CA PRO B 282 5.82 20.26 3.43
C PRO B 282 5.13 20.68 2.14
N ALA B 283 3.94 20.16 1.86
CA ALA B 283 3.18 20.51 0.67
C ALA B 283 3.90 20.07 -0.60
N THR B 284 4.86 19.16 -0.49
CA THR B 284 5.41 18.57 -1.70
C THR B 284 4.41 17.54 -2.25
N ARG B 285 4.68 17.07 -3.47
CA ARG B 285 3.76 16.12 -4.08
C ARG B 285 3.80 14.79 -3.34
N ASP B 286 4.98 14.36 -2.88
CA ASP B 286 5.07 13.10 -2.13
C ASP B 286 4.51 13.26 -0.72
N ALA B 287 4.75 14.41 -0.08
CA ALA B 287 4.18 14.63 1.25
C ALA B 287 2.67 14.66 1.19
N ASP B 288 2.10 15.36 0.20
CA ASP B 288 0.66 15.40 0.06
C ASP B 288 0.09 14.02 -0.27
N GLU B 289 0.84 13.21 -1.01
CA GLU B 289 0.42 11.82 -1.23
C GLU B 289 0.15 11.13 0.09
N ALA B 290 1.06 11.30 1.07
CA ALA B 290 0.88 10.68 2.38
C ALA B 290 -0.34 11.27 3.10
N LEU B 291 -0.49 12.59 3.09
CA LEU B 291 -1.63 13.21 3.75
C LEU B 291 -2.94 12.74 3.15
N VAL B 292 -3.03 12.78 1.82
CA VAL B 292 -4.28 12.39 1.15
C VAL B 292 -4.62 10.94 1.46
N ASP B 293 -3.61 10.06 1.48
CA ASP B 293 -3.86 8.65 1.79
C ASP B 293 -4.47 8.50 3.17
N GLU B 294 -3.99 9.26 4.16
CA GLU B 294 -4.54 9.20 5.50
C GLU B 294 -5.93 9.81 5.58
N LEU B 295 -6.14 10.94 4.90
CA LEU B 295 -7.46 11.56 4.91
C LEU B 295 -8.50 10.64 4.30
N ILE B 296 -8.13 9.91 3.25
CA ILE B 296 -9.07 8.98 2.65
C ILE B 296 -9.29 7.78 3.56
N ARG B 297 -8.23 7.29 4.22
CA ARG B 297 -8.42 6.18 5.15
C ARG B 297 -9.38 6.57 6.28
N LEU B 298 -9.24 7.78 6.82
CA LEU B 298 -10.02 8.17 7.99
C LEU B 298 -11.43 8.62 7.61
N ASP B 299 -11.55 9.38 6.53
CA ASP B 299 -12.81 10.04 6.20
C ASP B 299 -13.49 9.49 4.94
N GLY B 300 -12.94 8.44 4.34
CA GLY B 300 -13.59 7.78 3.24
C GLY B 300 -15.03 7.46 3.58
N PRO B 301 -15.96 7.91 2.73
CA PRO B 301 -17.39 7.85 3.13
C PRO B 301 -18.03 6.48 3.01
N VAL B 302 -17.46 5.53 2.28
CA VAL B 302 -18.10 4.22 2.14
C VAL B 302 -17.96 3.49 3.47
N GLN B 303 -19.09 3.26 4.15
CA GLN B 303 -19.05 2.57 5.43
C GLN B 303 -19.28 1.07 5.29
N ALA B 304 -20.00 0.66 4.25
CA ALA B 304 -20.40 -0.74 4.08
C ALA B 304 -20.31 -1.12 2.61
N ASP B 305 -19.77 -2.31 2.36
CA ASP B 305 -19.52 -2.83 1.02
C ASP B 305 -19.93 -4.29 1.04
N ALA B 306 -20.96 -4.63 0.28
CA ALA B 306 -21.63 -5.91 0.42
C ALA B 306 -21.16 -6.94 -0.60
N ARG B 307 -21.23 -8.21 -0.20
CA ARG B 307 -20.95 -9.34 -1.06
C ARG B 307 -21.92 -10.46 -0.70
N VAL B 308 -22.07 -11.41 -1.62
CA VAL B 308 -22.80 -12.64 -1.36
C VAL B 308 -21.82 -13.79 -1.41
N CYS B 309 -22.00 -14.76 -0.51
CA CYS B 309 -21.17 -15.96 -0.52
C CYS B 309 -21.68 -16.91 -1.61
N VAL B 310 -20.80 -17.24 -2.55
CA VAL B 310 -21.15 -18.18 -3.62
C VAL B 310 -20.79 -19.61 -3.24
N ARG B 311 -19.76 -19.80 -2.42
CA ARG B 311 -19.30 -21.12 -2.01
C ARG B 311 -18.86 -21.03 -0.56
N ASP B 312 -19.27 -22.03 0.23
CA ASP B 312 -18.93 -22.05 1.65
C ASP B 312 -17.46 -21.74 1.87
N GLN B 313 -17.16 -20.89 2.86
CA GLN B 313 -15.79 -20.45 3.06
C GLN B 313 -15.65 -19.91 4.47
N PRO B 314 -14.56 -20.24 5.17
CA PRO B 314 -14.33 -19.61 6.49
C PRO B 314 -13.91 -18.16 6.33
N VAL B 315 -14.49 -17.30 7.16
CA VAL B 315 -14.11 -15.90 7.26
C VAL B 315 -13.86 -15.60 8.74
N GLY B 316 -12.61 -15.26 9.08
CA GLY B 316 -12.28 -15.12 10.48
C GLY B 316 -12.51 -16.42 11.22
N ALA B 317 -13.29 -16.34 12.29
CA ALA B 317 -13.66 -17.52 13.06
C ALA B 317 -14.93 -18.19 12.53
N GLN B 318 -15.67 -17.51 11.68
CA GLN B 318 -16.97 -17.97 11.22
C GLN B 318 -16.87 -18.79 9.94
N LEU B 319 -17.76 -19.77 9.81
CA LEU B 319 -18.00 -20.40 8.52
C LEU B 319 -19.14 -19.65 7.83
N VAL B 320 -18.87 -19.08 6.67
CA VAL B 320 -19.88 -18.40 5.86
C VAL B 320 -20.35 -19.39 4.80
N ARG B 321 -21.65 -19.40 4.55
CA ARG B 321 -22.27 -20.40 3.69
C ARG B 321 -22.82 -19.77 2.41
N ARG B 322 -22.84 -20.57 1.35
CA ARG B 322 -23.41 -20.12 0.08
C ARG B 322 -24.79 -19.55 0.30
N GLY B 323 -25.01 -18.35 -0.23
CA GLY B 323 -26.23 -17.62 -0.06
C GLY B 323 -26.20 -16.57 1.03
N ASP B 324 -25.24 -16.66 1.94
CA ASP B 324 -25.10 -15.67 3.00
C ASP B 324 -24.71 -14.32 2.41
N VAL B 325 -25.32 -13.26 2.92
CA VAL B 325 -24.92 -11.90 2.60
C VAL B 325 -23.89 -11.45 3.62
N LEU B 326 -22.85 -10.78 3.15
CA LEU B 326 -21.84 -10.18 3.99
C LEU B 326 -21.82 -8.68 3.75
N VAL B 327 -21.82 -7.90 4.82
CA VAL B 327 -21.62 -6.46 4.76
C VAL B 327 -20.23 -6.20 5.33
N LEU B 328 -19.33 -5.70 4.48
CA LEU B 328 -17.95 -5.42 4.88
C LEU B 328 -17.88 -3.98 5.37
N PHE B 329 -17.62 -3.78 6.66
CA PHE B 329 -17.49 -2.44 7.23
C PHE B 329 -16.07 -1.94 6.96
N ILE B 330 -15.83 -1.49 5.73
CA ILE B 330 -14.48 -1.14 5.34
C ILE B 330 -14.00 0.11 6.07
N ALA B 331 -14.91 1.03 6.41
CA ALA B 331 -14.52 2.16 7.25
C ALA B 331 -14.03 1.68 8.61
N ALA B 332 -14.68 0.64 9.14
CA ALA B 332 -14.23 0.06 10.40
C ALA B 332 -12.91 -0.66 10.26
N ALA B 333 -12.71 -1.38 9.14
CA ALA B 333 -11.45 -2.04 8.90
C ALA B 333 -10.29 -1.05 8.83
N ASN B 334 -10.55 0.16 8.32
CA ASN B 334 -9.54 1.20 8.21
C ASN B 334 -9.18 1.81 9.55
N ARG B 335 -9.83 1.41 10.63
CA ARG B 335 -9.43 1.80 11.98
C ARG B 335 -8.95 0.59 12.80
N ASP B 336 -8.64 -0.52 12.13
CA ASP B 336 -8.18 -1.73 12.81
C ASP B 336 -6.80 -1.48 13.40
N PRO B 337 -6.65 -1.44 14.73
CA PRO B 337 -5.33 -1.07 15.28
C PRO B 337 -4.23 -2.08 14.97
N ALA B 338 -4.57 -3.32 14.64
CA ALA B 338 -3.53 -4.28 14.27
C ALA B 338 -2.80 -3.84 13.01
N VAL B 339 -3.47 -3.08 12.14
CA VAL B 339 -2.89 -2.64 10.89
C VAL B 339 -2.57 -1.16 10.89
N PHE B 340 -3.30 -0.35 11.67
CA PHE B 340 -3.13 1.10 11.70
C PHE B 340 -3.02 1.51 13.17
N PRO B 341 -1.85 1.34 13.77
CA PRO B 341 -1.67 1.80 15.16
C PRO B 341 -1.99 3.28 15.27
N ASP B 342 -2.56 3.67 16.42
CA ASP B 342 -3.14 4.99 16.58
C ASP B 342 -4.13 5.22 15.43
N PRO B 343 -5.14 4.35 15.30
CA PRO B 343 -5.92 4.31 14.05
C PRO B 343 -6.73 5.56 13.77
N ASP B 344 -7.10 6.34 14.79
CA ASP B 344 -7.94 7.50 14.59
C ASP B 344 -7.14 8.76 14.25
N ALA B 345 -5.83 8.65 14.12
CA ALA B 345 -4.97 9.80 13.89
C ALA B 345 -4.32 9.74 12.51
N VAL B 346 -4.09 10.92 11.94
CA VAL B 346 -3.29 11.03 10.73
C VAL B 346 -1.83 10.73 11.09
N ARG B 347 -1.25 9.71 10.45
CA ARG B 347 0.17 9.41 10.59
C ARG B 347 0.77 9.31 9.20
N LEU B 348 1.75 10.17 8.92
CA LEU B 348 2.27 10.34 7.56
C LEU B 348 3.35 9.33 7.21
N THR B 349 3.66 8.40 8.10
CA THR B 349 4.72 7.42 7.90
C THR B 349 4.19 6.00 7.74
N ARG B 350 2.89 5.85 7.50
CA ARG B 350 2.33 4.52 7.28
C ARG B 350 2.69 4.00 5.90
N ARG B 351 2.68 2.68 5.77
CA ARG B 351 2.89 2.04 4.48
C ARG B 351 1.70 2.31 3.56
N ARG B 352 1.99 2.62 2.31
CA ARG B 352 0.92 2.84 1.35
C ARG B 352 0.28 1.51 0.91
N GLY B 353 -0.92 1.62 0.34
CA GLY B 353 -1.58 0.46 -0.22
C GLY B 353 -2.27 -0.44 0.78
N LEU B 354 -2.56 0.07 1.97
CA LEU B 354 -3.21 -0.73 3.01
C LEU B 354 -4.70 -0.45 3.15
N HIS B 355 -5.12 0.81 3.15
CA HIS B 355 -6.50 1.13 3.48
C HIS B 355 -7.46 0.58 2.42
N LEU B 356 -8.69 0.34 2.84
CA LEU B 356 -9.72 -0.31 2.04
C LEU B 356 -10.83 0.63 1.61
N ALA B 357 -10.61 1.95 1.71
CA ALA B 357 -11.65 2.91 1.41
C ALA B 357 -12.02 2.96 -0.07
N PHE B 358 -11.16 2.47 -0.95
CA PHE B 358 -11.48 2.30 -2.37
C PHE B 358 -11.80 0.85 -2.71
N GLY B 359 -12.00 -0.01 -1.71
CA GLY B 359 -12.14 -1.42 -1.95
C GLY B 359 -10.79 -2.06 -2.18
N ARG B 360 -10.84 -3.28 -2.72
CA ARG B 360 -9.60 -3.99 -3.05
C ARG B 360 -9.93 -5.09 -4.04
N GLY B 361 -9.03 -5.32 -4.99
CA GLY B 361 -9.19 -6.39 -5.94
C GLY B 361 -9.93 -5.99 -7.19
N ALA B 362 -10.68 -6.93 -7.77
CA ALA B 362 -11.22 -6.73 -9.11
C ALA B 362 -12.11 -5.49 -9.20
N HIS B 363 -12.87 -5.22 -8.14
CA HIS B 363 -13.83 -4.11 -8.16
C HIS B 363 -13.28 -2.84 -7.51
N ALA B 364 -12.00 -2.79 -7.19
CA ALA B 364 -11.42 -1.60 -6.58
C ALA B 364 -11.80 -0.36 -7.37
N CYS B 365 -12.04 0.73 -6.65
CA CYS B 365 -12.60 1.95 -7.26
C CYS B 365 -11.91 2.34 -8.55
N LEU B 366 -12.70 2.42 -9.62
CA LEU B 366 -12.19 2.91 -10.91
C LEU B 366 -11.68 4.33 -10.82
N GLY B 367 -12.26 5.14 -9.95
CA GLY B 367 -11.92 6.55 -9.90
C GLY B 367 -10.97 6.90 -8.77
N ALA B 368 -10.28 5.89 -8.24
CA ALA B 368 -9.40 6.12 -7.10
C ALA B 368 -8.33 7.16 -7.43
N GLY B 369 -7.74 7.06 -8.62
CA GLY B 369 -6.78 8.07 -9.05
C GLY B 369 -7.40 9.44 -9.20
N LEU B 370 -8.60 9.50 -9.76
CA LEU B 370 -9.28 10.78 -9.88
C LEU B 370 -9.61 11.38 -8.53
N ALA B 371 -10.07 10.55 -7.59
CA ALA B 371 -10.45 11.06 -6.27
C ALA B 371 -9.25 11.55 -5.48
N THR B 372 -8.12 10.85 -5.57
CA THR B 372 -6.93 11.28 -4.86
C THR B 372 -6.36 12.55 -5.47
N LEU B 373 -6.35 12.63 -6.80
CA LEU B 373 -5.97 13.88 -7.47
C LEU B 373 -6.88 15.03 -7.04
N GLN B 374 -8.19 14.78 -7.03
CA GLN B 374 -9.14 15.84 -6.74
C GLN B 374 -8.98 16.37 -5.33
N LEU B 375 -8.82 15.48 -4.34
CA LEU B 375 -8.62 15.92 -2.96
C LEU B 375 -7.29 16.66 -2.83
N ARG B 376 -6.26 16.21 -3.53
CA ARG B 376 -4.99 16.93 -3.51
C ARG B 376 -5.15 18.36 -4.00
N GLU B 377 -5.94 18.56 -5.06
CA GLU B 377 -6.13 19.91 -5.58
C GLU B 377 -6.95 20.76 -4.62
N VAL B 378 -7.90 20.16 -3.90
CA VAL B 378 -8.62 20.91 -2.88
C VAL B 378 -7.66 21.37 -1.79
N LEU B 379 -6.75 20.48 -1.38
CA LEU B 379 -5.75 20.87 -0.40
C LEU B 379 -4.93 22.05 -0.90
N GLY B 380 -4.53 22.00 -2.17
CA GLY B 380 -3.78 23.10 -2.74
C GLY B 380 -4.58 24.39 -2.81
N ALA B 381 -5.87 24.28 -3.15
CA ALA B 381 -6.71 25.47 -3.22
C ALA B 381 -6.90 26.08 -1.85
N LEU B 382 -7.03 25.26 -0.80
CA LEU B 382 -7.20 25.79 0.53
C LEU B 382 -5.96 26.56 0.97
N ARG B 383 -4.77 26.02 0.69
CA ARG B 383 -3.54 26.70 1.09
C ARG B 383 -3.39 28.03 0.36
N ALA B 384 -3.67 28.05 -0.95
CA ALA B 384 -3.62 29.26 -1.74
C ALA B 384 -4.79 30.19 -1.51
N GLY B 385 -5.86 29.70 -0.86
CA GLY B 385 -7.11 30.41 -0.87
C GLY B 385 -7.11 31.72 -0.11
N GLY B 386 -6.25 31.83 0.90
CA GLY B 386 -6.25 33.02 1.73
C GLY B 386 -7.40 33.13 2.68
N LEU B 387 -8.11 32.02 2.92
CA LEU B 387 -9.30 32.03 3.76
C LEU B 387 -9.13 31.07 4.93
N ARG B 388 -9.40 31.56 6.14
CA ARG B 388 -9.53 30.70 7.31
C ARG B 388 -11.00 30.30 7.42
N LEU B 389 -11.26 29.00 7.32
CA LEU B 389 -12.61 28.47 7.49
C LEU B 389 -12.70 27.98 8.93
N ALA B 390 -13.43 28.72 9.77
CA ALA B 390 -13.46 28.37 11.18
C ALA B 390 -14.78 27.71 11.54
N PRO B 391 -14.76 26.68 12.38
CA PRO B 391 -16.01 25.99 12.73
C PRO B 391 -17.02 26.96 13.34
N ALA B 392 -18.24 26.91 12.83
CA ALA B 392 -19.35 27.70 13.34
C ALA B 392 -20.45 26.78 13.85
N GLY B 393 -20.05 25.61 14.34
CA GLY B 393 -20.99 24.60 14.77
C GLY B 393 -20.50 23.21 14.39
N PRO B 394 -21.17 22.20 14.91
CA PRO B 394 -20.74 20.82 14.65
C PRO B 394 -21.09 20.38 13.24
N ALA B 395 -20.29 19.46 12.72
CA ALA B 395 -20.68 18.74 11.51
C ALA B 395 -21.95 17.97 11.81
N ALA B 396 -22.94 18.08 10.92
CA ALA B 396 -24.21 17.37 11.04
C ALA B 396 -24.30 16.33 9.93
N TYR B 397 -24.70 15.12 10.28
CA TYR B 397 -24.63 13.99 9.38
C TYR B 397 -26.01 13.52 8.92
N GLU B 398 -26.06 13.09 7.67
CA GLU B 398 -27.31 12.60 7.09
C GLU B 398 -27.66 11.22 7.66
N PRO B 399 -28.95 10.89 7.70
CA PRO B 399 -29.35 9.56 8.18
C PRO B 399 -29.14 8.48 7.13
N THR B 400 -27.87 8.26 6.76
CA THR B 400 -27.47 7.25 5.80
C THR B 400 -26.37 6.40 6.42
N ALA B 401 -26.49 5.08 6.29
CA ALA B 401 -25.56 4.15 6.94
C ALA B 401 -24.52 3.59 5.99
N THR B 402 -24.91 3.18 4.77
CA THR B 402 -23.95 2.61 3.83
C THR B 402 -22.92 3.64 3.41
N LEU B 403 -23.37 4.85 3.11
CA LEU B 403 -22.52 5.95 2.66
C LEU B 403 -22.67 7.04 3.70
N ARG B 404 -21.55 7.46 4.27
CA ARG B 404 -21.55 8.47 5.33
C ARG B 404 -21.44 9.84 4.67
N GLY B 405 -22.33 10.74 5.05
CA GLY B 405 -22.39 12.04 4.43
C GLY B 405 -22.86 13.10 5.40
N LEU B 406 -22.32 14.29 5.23
CA LEU B 406 -22.72 15.43 6.05
C LEU B 406 -23.99 16.07 5.51
N ALA B 407 -24.89 16.45 6.41
CA ALA B 407 -26.01 17.28 6.02
C ALA B 407 -25.60 18.74 5.93
N GLU B 408 -24.64 19.16 6.75
CA GLU B 408 -24.25 20.56 6.84
C GLU B 408 -22.88 20.61 7.51
N LEU B 409 -22.06 21.58 7.09
CA LEU B 409 -20.74 21.81 7.68
C LEU B 409 -20.60 23.33 7.83
N PRO B 410 -21.11 23.88 8.94
CA PRO B 410 -21.14 25.34 9.10
C PRO B 410 -19.80 25.91 9.52
N VAL B 411 -19.36 26.96 8.82
CA VAL B 411 -18.11 27.64 9.12
C VAL B 411 -18.32 29.14 8.96
N SER B 412 -17.38 29.91 9.49
CA SER B 412 -17.32 31.34 9.29
C SER B 412 -16.07 31.64 8.48
N VAL B 413 -16.18 32.55 7.52
CA VAL B 413 -15.09 32.89 6.63
C VAL B 413 -14.37 34.11 7.19
N ARG B 414 -13.04 34.04 7.24
CA ARG B 414 -12.23 35.14 7.76
C ARG B 414 -10.79 35.00 7.31
N ILE C 34 11.23 1.68 3.65
CA ILE C 34 11.47 2.57 4.78
C ILE C 34 10.90 1.92 6.05
N TYR C 35 10.30 2.71 6.93
CA TYR C 35 9.90 2.23 8.25
C TYR C 35 9.09 3.31 8.95
N ASP C 36 8.06 2.87 9.67
CA ASP C 36 7.26 3.82 10.46
C ASP C 36 7.95 4.08 11.79
N PRO C 37 8.48 5.29 12.02
CA PRO C 37 9.23 5.52 13.27
C PRO C 37 8.39 5.36 14.51
N LEU C 38 7.07 5.44 14.41
CA LEU C 38 6.18 5.29 15.55
C LEU C 38 5.49 3.93 15.58
N ALA C 39 5.86 3.02 14.68
CA ALA C 39 5.34 1.67 14.72
C ALA C 39 5.71 1.02 16.06
N PRO C 40 4.82 0.23 16.65
CA PRO C 40 5.14 -0.36 17.97
C PRO C 40 6.41 -1.19 17.96
N SER C 41 6.71 -1.92 16.89
CA SER C 41 7.92 -2.74 16.87
C SER C 41 9.17 -1.88 16.80
N VAL C 42 9.10 -0.73 16.12
CA VAL C 42 10.23 0.19 16.08
C VAL C 42 10.43 0.85 17.43
N ILE C 43 9.33 1.34 18.03
CA ILE C 43 9.39 1.95 19.35
C ILE C 43 9.95 0.97 20.38
N ALA C 44 9.67 -0.33 20.21
CA ALA C 44 10.16 -1.31 21.19
C ALA C 44 11.68 -1.38 21.17
N ASP C 45 12.30 -1.24 19.99
CA ASP C 45 13.75 -1.25 19.85
C ASP C 45 14.11 -0.68 18.49
N PRO C 46 14.39 0.63 18.39
CA PRO C 46 14.63 1.23 17.06
C PRO C 46 16.02 0.98 16.51
N TYR C 47 16.96 0.50 17.32
CA TYR C 47 18.35 0.49 16.93
C TYR C 47 18.63 -0.48 15.79
N PRO C 48 18.02 -1.68 15.77
CA PRO C 48 18.19 -2.53 14.58
C PRO C 48 17.67 -1.87 13.31
N PHE C 49 16.62 -1.06 13.41
CA PHE C 49 16.13 -0.33 12.24
C PHE C 49 17.10 0.77 11.84
N TYR C 50 17.64 1.50 12.80
CA TYR C 50 18.69 2.48 12.50
C TYR C 50 19.83 1.84 11.72
N ARG C 51 20.29 0.68 12.20
CA ARG C 51 21.43 0.02 11.57
C ARG C 51 21.12 -0.36 10.13
N LYS C 52 19.91 -0.89 9.89
CA LYS C 52 19.52 -1.24 8.52
C LYS C 52 19.62 -0.04 7.60
N LEU C 53 19.18 1.14 8.08
CA LEU C 53 19.33 2.35 7.28
C LEU C 53 20.79 2.70 7.04
N ARG C 54 21.58 2.76 8.12
CA ARG C 54 22.97 3.17 7.98
C ARG C 54 23.73 2.25 7.03
N GLU C 55 23.40 0.96 7.05
CA GLU C 55 24.08 0.01 6.19
C GLU C 55 23.74 0.21 4.72
N THR C 56 22.55 0.74 4.43
CA THR C 56 22.15 0.95 3.04
C THR C 56 22.52 2.34 2.53
N ASN C 57 22.31 3.37 3.33
CA ASN C 57 22.71 4.73 2.97
C ASN C 57 22.71 5.58 4.22
N THR C 58 23.86 6.17 4.55
CA THR C 58 23.97 7.03 5.72
C THR C 58 23.22 8.34 5.54
N VAL C 59 22.85 8.69 4.32
CA VAL C 59 22.15 9.94 4.02
C VAL C 59 20.99 9.56 3.11
N HIS C 60 19.85 9.26 3.70
CA HIS C 60 18.69 8.72 2.98
C HIS C 60 17.61 9.80 2.88
N TRP C 61 17.06 9.95 1.68
CA TRP C 61 15.97 10.90 1.46
C TRP C 61 14.65 10.24 1.83
N HIS C 62 13.92 10.86 2.75
CA HIS C 62 12.59 10.41 3.15
C HIS C 62 11.58 11.32 2.45
N GLU C 63 11.01 10.83 1.34
CA GLU C 63 10.23 11.71 0.47
C GLU C 63 8.92 12.14 1.12
N PHE C 64 8.38 11.34 2.03
CA PHE C 64 7.09 11.68 2.64
C PHE C 64 7.26 12.64 3.81
N LEU C 65 8.39 12.58 4.51
CA LEU C 65 8.75 13.59 5.49
C LEU C 65 9.50 14.76 4.87
N ASP C 66 9.88 14.67 3.60
CA ASP C 66 10.60 15.73 2.90
C ASP C 66 11.83 16.18 3.69
N SER C 67 12.66 15.20 4.04
CA SER C 67 13.85 15.47 4.83
C SER C 67 14.88 14.38 4.59
N TRP C 68 16.16 14.77 4.72
CA TRP C 68 17.24 13.78 4.74
C TRP C 68 17.31 13.13 6.12
N VAL C 69 17.55 11.82 6.12
CA VAL C 69 17.74 11.06 7.35
C VAL C 69 19.20 10.62 7.39
N VAL C 70 19.94 11.12 8.37
CA VAL C 70 21.39 10.95 8.44
C VAL C 70 21.71 10.05 9.62
N THR C 71 22.24 8.86 9.33
CA THR C 71 22.57 7.87 10.34
C THR C 71 24.06 7.58 10.47
N GLY C 72 24.90 8.10 9.57
CA GLY C 72 26.33 7.87 9.69
C GLY C 72 26.99 8.83 10.65
N TYR C 73 27.97 8.33 11.39
CA TYR C 73 28.65 9.16 12.39
C TYR C 73 29.36 10.34 11.74
N ALA C 74 30.16 10.06 10.70
CA ALA C 74 30.91 11.12 10.06
C ALA C 74 29.97 12.20 9.52
N GLU C 75 28.84 11.78 8.95
CA GLU C 75 27.90 12.74 8.38
C GLU C 75 27.25 13.58 9.46
N CYS C 76 26.82 12.95 10.56
CA CYS C 76 26.21 13.71 11.66
C CYS C 76 27.21 14.67 12.29
N ARG C 77 28.45 14.21 12.52
CA ARG C 77 29.45 15.07 13.13
C ARG C 77 29.78 16.25 12.22
N GLN C 78 29.87 16.01 10.91
CA GLN C 78 30.11 17.10 9.96
C GLN C 78 29.02 18.16 10.05
N VAL C 79 27.76 17.74 9.97
CA VAL C 79 26.67 18.72 9.88
C VAL C 79 26.56 19.52 11.18
N LEU C 80 26.72 18.86 12.32
CA LEU C 80 26.56 19.56 13.59
C LEU C 80 27.59 20.67 13.76
N GLY C 81 28.82 20.43 13.30
CA GLY C 81 29.88 21.41 13.47
C GLY C 81 29.90 22.51 12.44
N ASP C 82 29.16 22.35 11.35
CA ASP C 82 29.22 23.27 10.21
C ASP C 82 27.98 24.17 10.22
N THR C 83 28.07 25.27 10.96
CA THR C 83 26.98 26.25 10.96
C THR C 83 27.05 27.20 9.77
N THR C 84 28.11 27.13 8.96
CA THR C 84 28.19 27.98 7.77
C THR C 84 27.27 27.46 6.67
N ASN C 85 27.22 26.14 6.48
CA ASN C 85 26.40 25.54 5.42
C ASN C 85 25.11 24.91 5.94
N PHE C 86 25.02 24.64 7.24
CA PHE C 86 23.85 24.04 7.87
C PHE C 86 23.48 24.85 9.10
N GLY C 87 22.19 25.11 9.29
CA GLY C 87 21.74 26.03 10.31
C GLY C 87 20.59 25.47 11.13
N SER C 88 20.36 26.14 12.26
CA SER C 88 19.20 25.92 13.10
C SER C 88 18.22 27.09 13.04
N ASP C 89 18.61 28.21 12.44
CA ASP C 89 17.76 29.39 12.29
C ASP C 89 17.15 29.32 10.90
N PHE C 90 15.88 28.93 10.82
CA PHE C 90 15.24 28.75 9.51
C PHE C 90 15.11 30.05 8.75
N ARG C 91 15.25 31.20 9.43
CA ARG C 91 15.26 32.48 8.72
C ARG C 91 16.39 32.58 7.72
N ARG C 92 17.42 31.73 7.84
CA ARG C 92 18.52 31.75 6.90
C ARG C 92 18.16 31.13 5.56
N ILE C 93 17.01 30.47 5.46
CA ILE C 93 16.49 30.02 4.16
C ILE C 93 15.18 30.75 3.87
N ASP C 94 15.09 32.01 4.32
CA ASP C 94 14.01 32.92 3.98
C ASP C 94 12.66 32.51 4.58
N VAL C 95 12.68 31.85 5.73
CA VAL C 95 11.46 31.53 6.46
C VAL C 95 11.22 32.58 7.53
N GLU C 96 10.01 33.15 7.55
CA GLU C 96 9.66 34.15 8.55
C GLU C 96 9.50 33.49 9.92
N ILE C 97 10.25 33.98 10.90
CA ILE C 97 10.15 33.52 12.29
C ILE C 97 9.96 34.76 13.15
N PRO C 98 8.83 34.90 13.87
CA PRO C 98 8.66 36.09 14.71
C PRO C 98 9.76 36.19 15.75
N ASP C 99 10.09 37.43 16.12
CA ASP C 99 11.14 37.65 17.10
C ASP C 99 10.76 37.09 18.47
N THR C 100 9.47 37.07 18.80
CA THR C 100 9.04 36.57 20.09
C THR C 100 9.30 35.07 20.24
N GLN C 101 9.56 34.37 19.15
CA GLN C 101 9.78 32.93 19.19
C GLN C 101 11.26 32.55 19.05
N LEU C 102 12.16 33.52 19.05
CA LEU C 102 13.58 33.23 18.94
C LEU C 102 14.11 32.71 20.26
N SER C 103 15.06 31.77 20.19
CA SER C 103 15.60 31.12 21.37
C SER C 103 17.02 30.67 21.06
N VAL C 104 17.75 30.31 22.11
CA VAL C 104 19.14 29.92 21.94
C VAL C 104 19.26 28.75 20.96
N GLN C 105 18.32 27.81 21.03
CA GLN C 105 18.42 26.62 20.19
C GLN C 105 18.08 26.90 18.73
N SER C 106 17.44 28.03 18.42
CA SER C 106 17.07 28.35 17.06
C SER C 106 17.82 29.56 16.51
N LEU C 107 18.90 29.98 17.16
CA LEU C 107 19.76 31.04 16.68
C LEU C 107 21.12 30.48 16.32
N ASP C 108 21.76 31.06 15.31
CA ASP C 108 23.08 30.68 14.85
C ASP C 108 24.01 31.89 14.96
N PRO C 109 25.32 31.67 14.92
CA PRO C 109 26.25 32.81 14.99
C PRO C 109 25.97 33.79 13.87
N PRO C 110 26.15 35.10 14.11
CA PRO C 110 26.64 35.74 15.35
C PRO C 110 25.57 35.87 16.40
N GLU C 111 24.30 35.77 15.98
CA GLU C 111 23.19 35.98 16.90
C GLU C 111 23.24 35.01 18.07
N HIS C 112 23.66 33.77 17.84
CA HIS C 112 23.67 32.76 18.89
C HIS C 112 24.64 33.10 20.01
N GLY C 113 25.71 33.83 19.70
CA GLY C 113 26.74 34.04 20.70
C GLY C 113 26.29 34.81 21.92
N ALA C 114 25.38 35.77 21.74
CA ALA C 114 25.00 36.64 22.85
C ALA C 114 24.31 35.86 23.96
N ILE C 115 23.18 35.21 23.66
CA ILE C 115 22.45 34.49 24.68
C ILE C 115 23.26 33.31 25.20
N ARG C 116 24.00 32.63 24.31
CA ARG C 116 24.85 31.52 24.73
C ARG C 116 25.81 31.98 25.82
N HIS C 117 26.49 33.11 25.59
CA HIS C 117 27.42 33.64 26.59
C HIS C 117 26.69 33.95 27.90
N LEU C 118 25.50 34.55 27.80
CA LEU C 118 24.73 34.85 29.01
C LEU C 118 24.46 33.58 29.80
N LEU C 119 24.00 32.53 29.13
CA LEU C 119 23.65 31.30 29.83
C LEU C 119 24.87 30.63 30.43
N VAL C 120 26.00 30.63 29.71
CA VAL C 120 27.21 30.04 30.25
C VAL C 120 27.71 30.85 31.44
N SER C 121 27.65 32.17 31.35
CA SER C 121 28.05 33.00 32.48
C SER C 121 27.22 32.69 33.72
N ALA C 122 25.89 32.65 33.56
CA ALA C 122 25.03 32.30 34.69
C ALA C 122 25.28 30.87 35.15
N LEU C 123 25.58 29.97 34.21
CA LEU C 123 25.89 28.59 34.57
C LEU C 123 27.12 28.53 35.48
N HIS C 124 28.14 29.33 35.17
CA HIS C 124 29.37 29.29 35.95
C HIS C 124 29.28 30.09 37.25
N GLU C 125 28.24 30.92 37.41
CA GLU C 125 27.99 31.56 38.71
C GLU C 125 27.44 30.58 39.73
N GLN C 126 27.08 29.37 39.33
CA GLN C 126 26.58 28.37 40.26
C GLN C 126 27.77 27.68 40.91
N PRO C 127 27.92 27.72 42.24
CA PRO C 127 29.05 27.04 42.87
C PRO C 127 28.93 25.53 42.69
N LEU C 128 29.99 24.93 42.13
CA LEU C 128 29.92 23.52 41.77
C LEU C 128 29.78 22.64 43.00
N SER C 129 30.36 23.03 44.13
CA SER C 129 30.20 22.24 45.34
C SER C 129 28.75 22.18 45.78
N THR C 130 28.02 23.30 45.72
CA THR C 130 26.63 23.31 46.14
C THR C 130 25.77 22.47 45.19
N VAL C 131 25.96 22.67 43.88
CA VAL C 131 25.19 21.89 42.91
C VAL C 131 25.49 20.41 43.08
N ARG C 132 26.77 20.09 43.27
CA ARG C 132 27.18 18.70 43.43
C ARG C 132 26.55 18.09 44.67
N GLN C 133 26.49 18.86 45.77
CA GLN C 133 25.84 18.38 46.98
C GLN C 133 24.34 18.22 46.79
N GLN C 134 23.69 19.16 46.10
CA GLN C 134 22.25 19.08 45.91
C GLN C 134 21.86 17.87 45.07
N PHE C 135 22.58 17.63 43.97
CA PHE C 135 22.25 16.49 43.11
C PHE C 135 22.41 15.17 43.86
N ALA C 136 23.44 15.05 44.70
CA ALA C 136 23.66 13.81 45.44
C ALA C 136 22.56 13.58 46.47
N ALA C 137 22.11 14.64 47.15
CA ALA C 137 21.07 14.47 48.15
C ALA C 137 19.76 14.01 47.51
N ILE C 138 19.39 14.60 46.39
CA ILE C 138 18.15 14.22 45.71
C ILE C 138 18.19 12.76 45.30
N ALA C 139 19.32 12.34 44.71
CA ALA C 139 19.44 10.95 44.26
C ALA C 139 19.29 9.98 45.43
N ALA C 140 19.92 10.29 46.57
CA ALA C 140 19.82 9.40 47.72
C ALA C 140 18.41 9.41 48.31
N GLN C 141 17.77 10.57 48.36
CA GLN C 141 16.45 10.66 48.98
C GLN C 141 15.43 9.79 48.25
N HIS C 142 15.38 9.90 46.92
CA HIS C 142 14.40 9.12 46.17
C HIS C 142 14.77 7.65 46.09
N LEU C 143 16.06 7.34 46.22
CA LEU C 143 16.49 5.95 46.28
C LEU C 143 16.07 5.31 47.58
N ALA C 144 16.22 6.02 48.70
CA ALA C 144 15.75 5.49 49.98
C ALA C 144 14.24 5.29 49.96
N GLU C 145 13.51 6.22 49.36
CA GLU C 145 12.06 6.10 49.24
C GLU C 145 11.69 4.89 48.38
N GLY C 151 8.25 -4.76 47.37
CA GLY C 151 7.39 -5.03 46.24
C GLY C 151 7.90 -4.47 44.93
N THR C 152 7.03 -4.41 43.92
CA THR C 152 7.40 -3.86 42.62
C THR C 152 7.24 -2.34 42.58
N VAL C 153 8.22 -1.68 41.96
CA VAL C 153 8.20 -0.23 41.79
C VAL C 153 8.51 0.13 40.35
N ASP C 154 7.90 1.22 39.89
CA ASP C 154 8.16 1.75 38.55
C ASP C 154 9.21 2.85 38.68
N LEU C 155 10.40 2.61 38.14
CA LEU C 155 11.49 3.56 38.31
C LEU C 155 11.30 4.83 37.50
N VAL C 156 10.43 4.82 36.49
CA VAL C 156 10.19 6.03 35.72
C VAL C 156 9.48 7.07 36.59
N SER C 157 8.29 6.71 37.10
CA SER C 157 7.50 7.66 37.88
C SER C 157 8.00 7.81 39.31
N ARG C 158 8.72 6.83 39.84
CA ARG C 158 9.16 6.86 41.23
C ARG C 158 10.59 7.35 41.41
N PHE C 159 11.39 7.38 40.34
CA PHE C 159 12.78 7.83 40.47
C PHE C 159 13.19 8.80 39.36
N ALA C 160 13.16 8.33 38.11
CA ALA C 160 13.72 9.12 37.02
C ALA C 160 13.07 10.50 36.96
N ARG C 161 11.74 10.55 36.96
CA ARG C 161 11.07 11.84 36.77
C ARG C 161 11.16 12.72 38.02
N PRO C 162 10.84 12.25 39.22
CA PRO C 162 10.96 13.15 40.38
C PRO C 162 12.38 13.64 40.62
N VAL C 163 13.38 12.77 40.42
CA VAL C 163 14.77 13.19 40.57
C VAL C 163 15.11 14.25 39.52
N ALA C 164 14.68 14.03 38.28
CA ALA C 164 14.98 14.99 37.22
C ALA C 164 14.33 16.34 37.52
N LEU C 165 13.09 16.33 38.00
CA LEU C 165 12.39 17.60 38.23
C LEU C 165 13.02 18.37 39.38
N ARG C 166 13.29 17.70 40.50
CA ARG C 166 13.94 18.36 41.62
C ARG C 166 15.37 18.75 41.28
N THR C 167 16.04 17.94 40.46
CA THR C 167 17.40 18.28 40.05
C THR C 167 17.44 19.59 39.28
N ILE C 168 16.58 19.72 38.26
CA ILE C 168 16.62 20.91 37.43
C ILE C 168 16.12 22.14 38.19
N THR C 169 15.07 21.98 39.01
CA THR C 169 14.54 23.13 39.72
C THR C 169 15.49 23.58 40.84
N ALA C 170 16.19 22.63 41.47
CA ALA C 170 17.25 23.02 42.41
C ALA C 170 18.33 23.82 41.70
N PHE C 171 18.75 23.36 40.52
CA PHE C 171 19.72 24.13 39.74
C PHE C 171 19.16 25.49 39.38
N LEU C 172 17.89 25.56 39.00
CA LEU C 172 17.26 26.83 38.66
C LEU C 172 17.05 27.72 39.86
N GLY C 173 16.96 27.15 41.06
CA GLY C 173 16.72 27.95 42.25
C GLY C 173 15.27 28.33 42.45
N VAL C 174 14.34 27.45 42.08
CA VAL C 174 12.92 27.73 42.16
C VAL C 174 12.22 26.52 42.77
N PRO C 175 11.03 26.72 43.35
CA PRO C 175 10.29 25.58 43.92
C PRO C 175 9.80 24.65 42.83
N PRO C 176 9.89 23.34 43.05
CA PRO C 176 9.44 22.39 42.02
C PRO C 176 7.92 22.43 41.85
N PRO C 177 7.43 22.47 40.62
CA PRO C 177 5.98 22.34 40.41
C PRO C 177 5.51 20.93 40.73
N ASP C 178 4.20 20.75 40.67
CA ASP C 178 3.61 19.43 40.89
C ASP C 178 4.16 18.45 39.87
N GLY C 179 4.61 17.29 40.36
CA GLY C 179 5.27 16.34 39.47
C GLY C 179 4.34 15.79 38.41
N ALA C 180 3.17 15.30 38.83
CA ALA C 180 2.22 14.76 37.87
C ALA C 180 1.80 15.83 36.87
N GLY C 181 1.49 17.02 37.35
CA GLY C 181 1.08 18.09 36.45
C GLY C 181 2.17 18.47 35.48
N PHE C 182 3.42 18.59 35.95
CA PHE C 182 4.50 18.99 35.07
C PHE C 182 4.79 17.91 34.04
N GLU C 183 4.69 16.64 34.42
CA GLU C 183 4.90 15.56 33.46
C GLU C 183 3.84 15.57 32.37
N GLN C 184 2.60 15.92 32.71
CA GLN C 184 1.55 16.03 31.69
C GLN C 184 1.93 17.08 30.65
N TRP C 185 2.36 18.26 31.09
CA TRP C 185 2.81 19.28 30.15
C TRP C 185 4.00 18.79 29.33
N SER C 186 5.02 18.27 30.01
CA SER C 186 6.23 17.83 29.31
C SER C 186 5.92 16.75 28.30
N ASN C 187 5.10 15.76 28.69
CA ASN C 187 4.72 14.71 27.76
C ASN C 187 4.14 15.28 26.48
N ALA C 188 3.25 16.28 26.60
CA ALA C 188 2.67 16.89 25.41
C ALA C 188 3.75 17.54 24.55
N ILE C 189 4.72 18.20 25.19
CA ILE C 189 5.78 18.86 24.42
C ILE C 189 6.65 17.82 23.73
N VAL C 190 7.03 16.76 24.44
CA VAL C 190 7.88 15.73 23.84
C VAL C 190 7.17 15.08 22.67
N ARG C 191 5.89 14.74 22.84
N ARG C 191 5.89 14.76 22.82
CA ARG C 191 5.13 14.16 21.73
CA ARG C 191 5.15 14.16 21.72
C ARG C 191 5.08 15.12 20.54
C ARG C 191 5.05 15.12 20.54
N SER C 192 4.94 16.42 20.81
CA SER C 192 4.85 17.39 19.74
C SER C 192 6.12 17.47 18.90
N MET C 193 7.26 16.98 19.41
CA MET C 193 8.46 16.93 18.59
C MET C 193 8.27 16.01 17.39
N ASP C 194 7.28 15.11 17.45
CA ASP C 194 6.97 14.20 16.35
C ASP C 194 5.81 14.71 15.50
N ALA C 195 5.49 16.01 15.55
CA ALA C 195 4.32 16.51 14.84
C ALA C 195 4.47 16.38 13.33
N GLY C 196 5.70 16.35 12.83
CA GLY C 196 5.91 16.08 11.41
C GLY C 196 5.43 14.71 10.99
N ILE C 197 5.35 13.78 11.95
CA ILE C 197 4.82 12.44 11.70
C ILE C 197 3.33 12.38 11.98
N GLU C 198 2.90 12.90 13.13
CA GLU C 198 1.49 12.96 13.52
C GLU C 198 1.13 14.41 13.82
N PRO C 199 0.61 15.15 12.83
CA PRO C 199 0.38 16.59 13.05
C PRO C 199 -0.54 16.93 14.21
N ALA C 200 -1.42 16.02 14.63
CA ALA C 200 -2.31 16.32 15.76
C ALA C 200 -1.54 16.54 17.05
N ARG C 201 -0.27 16.10 17.11
CA ARG C 201 0.52 16.29 18.32
C ARG C 201 1.00 17.72 18.49
N ALA C 202 0.82 18.58 17.49
CA ALA C 202 1.36 19.93 17.56
C ALA C 202 0.64 20.78 18.60
N GLU C 203 -0.68 20.77 18.58
CA GLU C 203 -1.43 21.75 19.37
C GLU C 203 -1.31 21.50 20.86
N PRO C 204 -1.46 20.26 21.33
CA PRO C 204 -1.22 20.01 22.78
C PRO C 204 0.15 20.47 23.22
N GLY C 205 1.16 20.37 22.36
CA GLY C 205 2.47 20.88 22.71
C GLY C 205 2.48 22.40 22.80
N ASN C 206 1.78 23.07 21.88
CA ASN C 206 1.74 24.53 21.90
C ASN C 206 1.13 25.04 23.20
N GLN C 207 0.07 24.40 23.68
CA GLN C 207 -0.54 24.82 24.94
C GLN C 207 0.38 24.54 26.12
N ALA C 208 1.09 23.39 26.10
CA ALA C 208 2.02 23.09 27.18
C ALA C 208 3.20 24.06 27.15
N ARG C 209 3.67 24.43 25.96
CA ARG C 209 4.74 25.41 25.86
C ARG C 209 4.33 26.74 26.48
N ALA C 210 3.12 27.23 26.13
CA ALA C 210 2.63 28.46 26.72
C ALA C 210 2.55 28.35 28.23
N GLU C 211 2.20 27.17 28.75
CA GLU C 211 2.09 26.98 30.19
C GLU C 211 3.46 27.08 30.85
N LEU C 212 4.49 26.50 30.22
CA LEU C 212 5.84 26.66 30.75
C LEU C 212 6.34 28.10 30.61
N SER C 213 5.86 28.83 29.61
CA SER C 213 6.23 30.24 29.49
C SER C 213 5.74 31.04 30.68
N ARG C 214 4.48 30.83 31.08
CA ARG C 214 3.96 31.54 32.25
C ARG C 214 4.77 31.18 33.49
N LEU C 215 5.16 29.91 33.61
CA LEU C 215 5.96 29.48 34.75
C LEU C 215 7.34 30.15 34.73
N VAL C 216 7.96 30.23 33.55
CA VAL C 216 9.27 30.88 33.47
C VAL C 216 9.14 32.37 33.72
N THR C 217 8.04 32.98 33.28
CA THR C 217 7.81 34.39 33.55
C THR C 217 7.65 34.64 35.04
N HIS C 218 6.94 33.75 35.73
CA HIS C 218 6.80 33.88 37.17
C HIS C 218 8.15 33.75 37.87
N TRP C 219 8.97 32.78 37.44
CA TRP C 219 10.27 32.59 38.06
C TRP C 219 11.18 33.79 37.84
N LEU C 220 11.16 34.37 36.64
CA LEU C 220 11.96 35.57 36.41
C LEU C 220 11.58 36.68 37.35
N ALA C 221 10.28 36.84 37.62
CA ALA C 221 9.82 37.91 38.50
C ALA C 221 10.04 37.58 39.98
N GLU C 222 10.10 36.31 40.33
CA GLU C 222 10.05 35.91 41.73
C GLU C 222 11.18 34.99 42.20
N ALA C 223 12.01 34.48 41.30
CA ALA C 223 12.96 33.44 41.69
C ALA C 223 14.07 34.01 42.58
N ASP C 224 14.52 33.18 43.53
CA ASP C 224 15.59 33.57 44.43
C ASP C 224 16.83 33.96 43.63
N GLU C 225 17.67 34.80 44.26
CA GLU C 225 18.89 35.23 43.58
C GLU C 225 19.91 34.12 43.46
N ARG C 226 19.85 33.10 44.33
CA ARG C 226 20.81 32.00 44.32
C ARG C 226 20.32 30.87 43.43
N GLY C 227 20.46 31.06 42.13
CA GLY C 227 20.08 30.01 41.20
C GLY C 227 20.35 30.45 39.77
N PHE C 228 20.13 29.52 38.84
CA PHE C 228 20.43 29.81 37.46
C PHE C 228 19.52 30.91 36.92
N VAL C 229 18.25 30.92 37.35
CA VAL C 229 17.33 31.96 36.92
C VAL C 229 17.81 33.32 37.43
N GLY C 230 18.12 33.39 38.71
CA GLY C 230 18.63 34.64 39.26
C GLY C 230 19.90 35.11 38.59
N ALA C 231 20.81 34.17 38.30
CA ALA C 231 22.06 34.52 37.64
C ALA C 231 21.83 34.95 36.20
N ALA C 232 20.95 34.25 35.49
CA ALA C 232 20.60 34.65 34.14
C ALA C 232 19.94 36.02 34.14
N ARG C 233 19.11 36.28 35.16
CA ARG C 233 18.46 37.59 35.28
C ARG C 233 19.49 38.70 35.48
N ARG C 234 20.45 38.47 36.38
CA ARG C 234 21.50 39.48 36.59
C ARG C 234 22.34 39.65 35.33
N ALA C 235 22.78 38.53 34.75
CA ALA C 235 23.59 38.60 33.53
C ALA C 235 22.84 39.33 32.43
N ALA C 236 21.52 39.15 32.37
CA ALA C 236 20.72 39.82 31.35
C ALA C 236 20.78 41.33 31.52
N ARG C 237 20.74 41.81 32.76
CA ARG C 237 20.80 43.25 33.00
C ARG C 237 22.06 43.86 32.40
N ALA C 238 23.23 43.30 32.76
CA ALA C 238 24.49 43.81 32.23
C ALA C 238 24.53 43.67 30.71
N GLN C 239 24.03 42.55 30.19
CA GLN C 239 24.00 42.33 28.75
C GLN C 239 22.84 43.10 28.11
N ASP C 240 22.70 42.96 26.79
CA ASP C 240 21.60 43.55 26.04
C ASP C 240 21.01 42.49 25.10
N VAL C 241 20.51 41.42 25.70
CA VAL C 241 19.82 40.35 24.98
C VAL C 241 18.32 40.59 25.10
N PRO C 242 17.56 40.50 24.01
CA PRO C 242 16.11 40.77 24.11
C PRO C 242 15.43 39.83 25.10
N ALA C 243 14.37 40.36 25.72
CA ALA C 243 13.73 39.64 26.82
C ALA C 243 13.13 38.31 26.34
N ALA C 244 12.62 38.28 25.11
CA ALA C 244 11.97 37.06 24.62
C ALA C 244 12.98 35.95 24.43
N VAL C 245 14.18 36.28 23.95
CA VAL C 245 15.21 35.26 23.78
C VAL C 245 15.63 34.70 25.13
N LEU C 246 15.72 35.56 26.16
CA LEU C 246 16.09 35.08 27.49
C LEU C 246 15.03 34.13 28.04
N ALA C 247 13.76 34.55 28.00
CA ALA C 247 12.69 33.74 28.56
C ALA C 247 12.56 32.41 27.82
N ASN C 248 12.58 32.46 26.49
CA ASN C 248 12.48 31.22 25.71
C ASN C 248 13.67 30.30 26.00
N SER C 249 14.85 30.86 26.23
CA SER C 249 16.02 30.03 26.49
C SER C 249 15.96 29.39 27.87
N LEU C 250 15.49 30.12 28.88
CA LEU C 250 15.31 29.53 30.20
C LEU C 250 14.26 28.43 30.16
N ARG C 251 13.21 28.64 29.37
CA ARG C 251 12.21 27.59 29.18
C ARG C 251 12.84 26.36 28.57
N ALA C 252 13.75 26.55 27.61
CA ALA C 252 14.48 25.43 27.04
C ALA C 252 15.37 24.75 28.09
N VAL C 253 16.04 25.54 28.91
CA VAL C 253 16.84 24.96 29.99
C VAL C 253 15.97 24.11 30.90
N LEU C 254 14.82 24.66 31.30
CA LEU C 254 13.91 23.92 32.17
C LEU C 254 13.49 22.60 31.54
N HIS C 255 12.90 22.67 30.34
CA HIS C 255 12.32 21.46 29.80
C HIS C 255 13.36 20.52 29.21
N ALA C 256 14.34 21.06 28.48
CA ALA C 256 15.42 20.22 27.97
C ALA C 256 16.07 19.45 29.12
N GLY C 257 16.26 20.12 30.25
CA GLY C 257 16.81 19.48 31.43
C GLY C 257 15.93 18.37 31.95
N TYR C 258 14.67 18.69 32.27
CA TYR C 258 13.78 17.69 32.85
C TYR C 258 13.53 16.53 31.91
N ALA C 259 13.21 16.83 30.65
CA ALA C 259 12.79 15.76 29.73
C ALA C 259 13.95 14.85 29.37
N SER C 260 15.14 15.42 29.17
CA SER C 260 16.30 14.62 28.79
C SER C 260 16.88 13.86 29.98
N VAL C 261 17.00 14.53 31.12
CA VAL C 261 17.58 13.87 32.29
C VAL C 261 16.69 12.70 32.72
N SER C 262 15.38 12.92 32.78
CA SER C 262 14.47 11.86 33.22
C SER C 262 14.55 10.66 32.29
N ARG C 263 14.64 10.90 30.98
CA ARG C 263 14.70 9.79 30.03
C ARG C 263 16.09 9.14 30.02
N LEU C 264 17.15 9.93 30.23
CA LEU C 264 18.47 9.32 30.36
C LEU C 264 18.53 8.41 31.57
N LEU C 265 18.00 8.88 32.72
CA LEU C 265 18.01 8.04 33.91
C LEU C 265 17.19 6.77 33.69
N GLY C 266 16.02 6.90 33.06
CA GLY C 266 15.20 5.74 32.79
C GLY C 266 15.91 4.72 31.92
N GLY C 267 16.53 5.19 30.84
CA GLY C 267 17.22 4.28 29.94
C GLY C 267 18.44 3.63 30.58
N VAL C 268 19.21 4.39 31.34
CA VAL C 268 20.37 3.83 32.02
C VAL C 268 19.92 2.81 33.06
N LEU C 269 18.89 3.13 33.83
CA LEU C 269 18.38 2.20 34.83
C LEU C 269 17.90 0.90 34.16
N ALA C 270 17.21 1.02 33.03
CA ALA C 270 16.76 -0.17 32.32
C ALA C 270 17.93 -1.06 31.94
N ARG C 271 19.04 -0.45 31.51
CA ARG C 271 20.21 -1.24 31.16
C ARG C 271 20.85 -1.86 32.40
N LEU C 272 20.91 -1.11 33.50
CA LEU C 272 21.57 -1.61 34.70
C LEU C 272 20.79 -2.76 35.32
N VAL C 273 19.46 -2.68 35.34
CA VAL C 273 18.67 -3.75 35.92
C VAL C 273 18.80 -5.04 35.11
N ARG C 274 18.91 -4.92 33.78
CA ARG C 274 19.14 -6.10 32.95
C ARG C 274 20.56 -6.62 33.11
N HIS C 275 21.52 -5.72 33.32
CA HIS C 275 22.94 -6.06 33.40
C HIS C 275 23.57 -5.44 34.65
N PRO C 276 23.23 -5.96 35.84
CA PRO C 276 23.79 -5.38 37.07
C PRO C 276 25.31 -5.49 37.16
N GLU C 277 25.95 -6.35 36.36
CA GLU C 277 27.40 -6.40 36.34
C GLU C 277 28.02 -5.06 36.01
N LEU C 278 27.29 -4.19 35.31
CA LEU C 278 27.82 -2.87 34.99
C LEU C 278 28.15 -2.06 36.24
N LEU C 279 27.45 -2.32 37.34
CA LEU C 279 27.68 -1.61 38.59
C LEU C 279 28.72 -2.30 39.47
N ALA C 280 29.23 -3.45 39.05
CA ALA C 280 30.23 -4.19 39.81
C ALA C 280 31.66 -3.81 39.40
N GLY C 281 31.83 -2.66 38.77
CA GLY C 281 33.14 -2.22 38.35
C GLY C 281 33.93 -1.56 39.45
N PRO C 282 35.06 -0.94 39.08
CA PRO C 282 35.92 -0.33 40.12
C PRO C 282 35.23 0.73 40.97
N ALA C 283 34.24 1.43 40.42
CA ALA C 283 33.48 2.46 41.12
C ALA C 283 34.34 3.66 41.52
N THR C 284 35.51 3.81 40.92
CA THR C 284 36.31 5.01 41.10
C THR C 284 35.76 6.13 40.23
N ARG C 285 36.32 7.33 40.41
CA ARG C 285 35.87 8.47 39.63
C ARG C 285 36.21 8.33 38.15
N ASP C 286 37.43 7.89 37.84
CA ASP C 286 37.80 7.73 36.44
C ASP C 286 37.10 6.53 35.82
N ALA C 287 36.93 5.46 36.59
CA ALA C 287 36.22 4.29 36.08
C ALA C 287 34.77 4.63 35.74
N ASP C 288 34.10 5.36 36.64
CA ASP C 288 32.72 5.77 36.36
C ASP C 288 32.64 6.75 35.18
N GLU C 289 33.66 7.59 35.01
CA GLU C 289 33.69 8.47 33.84
C GLU C 289 33.53 7.66 32.56
N ALA C 290 34.27 6.55 32.46
CA ALA C 290 34.19 5.71 31.27
C ALA C 290 32.81 5.09 31.15
N LEU C 291 32.29 4.55 32.25
CA LEU C 291 30.97 3.92 32.24
C LEU C 291 29.89 4.93 31.89
N VAL C 292 29.94 6.10 32.52
CA VAL C 292 28.93 7.13 32.25
C VAL C 292 28.99 7.55 30.78
N ASP C 293 30.19 7.70 30.25
CA ASP C 293 30.34 8.09 28.85
C ASP C 293 29.69 7.06 27.93
N GLU C 294 29.87 5.77 28.23
CA GLU C 294 29.26 4.72 27.43
C GLU C 294 27.76 4.66 27.61
N LEU C 295 27.29 4.85 28.85
CA LEU C 295 25.84 4.83 29.11
C LEU C 295 25.15 5.98 28.38
N ILE C 296 25.79 7.14 28.30
CA ILE C 296 25.21 8.26 27.57
C ILE C 296 25.26 8.00 26.07
N ARG C 297 26.37 7.43 25.58
CA ARG C 297 26.43 7.09 24.16
C ARG C 297 25.32 6.12 23.79
N LEU C 298 25.08 5.12 24.62
CA LEU C 298 24.12 4.07 24.29
C LEU C 298 22.68 4.50 24.58
N ASP C 299 22.45 5.16 25.71
CA ASP C 299 21.09 5.42 26.20
C ASP C 299 20.70 6.88 26.14
N GLY C 300 21.54 7.74 25.57
CA GLY C 300 21.17 9.11 25.33
C GLY C 300 19.82 9.18 24.64
N PRO C 301 18.88 9.96 25.20
CA PRO C 301 17.50 9.89 24.70
C PRO C 301 17.25 10.63 23.40
N VAL C 302 18.11 11.56 22.99
CA VAL C 302 17.86 12.30 21.76
C VAL C 302 18.15 11.39 20.57
N GLN C 303 17.11 11.04 19.83
CA GLN C 303 17.24 10.18 18.66
C GLN C 303 17.43 10.97 17.38
N ALA C 304 16.93 12.21 17.33
CA ALA C 304 16.91 13.00 16.11
C ALA C 304 17.22 14.46 16.46
N ASP C 305 18.07 15.07 15.63
CA ASP C 305 18.53 16.44 15.82
C ASP C 305 18.53 17.10 14.45
N ALA C 306 17.69 18.11 14.27
CA ALA C 306 17.38 18.63 12.95
C ALA C 306 18.21 19.85 12.61
N ARG C 307 18.48 20.01 11.31
CA ARG C 307 19.16 21.16 10.76
C ARG C 307 18.55 21.47 9.39
N VAL C 308 18.80 22.68 8.91
CA VAL C 308 18.45 23.07 7.55
C VAL C 308 19.72 23.38 6.79
N CYS C 309 19.77 22.98 5.52
CA CYS C 309 20.89 23.32 4.65
C CYS C 309 20.74 24.78 4.21
N VAL C 310 21.71 25.61 4.57
CA VAL C 310 21.68 27.02 4.17
C VAL C 310 22.42 27.24 2.86
N ARG C 311 23.43 26.44 2.56
CA ARG C 311 24.25 26.58 1.37
C ARG C 311 24.57 25.18 0.87
N ASP C 312 24.46 24.98 -0.44
CA ASP C 312 24.69 23.67 -1.02
C ASP C 312 25.99 23.08 -0.48
N GLN C 313 25.94 21.80 -0.11
CA GLN C 313 27.11 21.17 0.49
C GLN C 313 27.01 19.67 0.44
N PRO C 314 28.09 18.95 0.14
CA PRO C 314 28.04 17.49 0.22
C PRO C 314 28.02 17.04 1.68
N VAL C 315 27.19 16.02 1.95
CA VAL C 315 27.13 15.36 3.25
C VAL C 315 27.42 13.90 2.97
N GLY C 316 28.54 13.41 3.47
CA GLY C 316 28.98 12.10 3.05
C GLY C 316 29.18 12.16 1.54
N ALA C 317 28.52 11.26 0.81
CA ALA C 317 28.57 11.29 -0.65
C ALA C 317 27.43 12.09 -1.27
N GLN C 318 26.37 12.42 -0.52
CA GLN C 318 25.21 13.07 -1.10
C GLN C 318 25.41 14.58 -1.13
N LEU C 319 24.88 15.21 -2.16
CA LEU C 319 24.80 16.66 -2.23
C LEU C 319 23.47 17.10 -1.64
N VAL C 320 23.53 17.89 -0.58
CA VAL C 320 22.35 18.49 0.04
C VAL C 320 22.22 19.91 -0.48
N ARG C 321 20.99 20.33 -0.75
CA ARG C 321 20.74 21.61 -1.39
C ARG C 321 20.14 22.59 -0.39
N ARG C 322 20.40 23.87 -0.63
CA ARG C 322 19.85 24.94 0.20
C ARG C 322 18.34 24.77 0.35
N GLY C 323 17.88 24.81 1.60
CA GLY C 323 16.50 24.63 1.92
C GLY C 323 16.12 23.22 2.34
N ASP C 324 16.96 22.24 2.07
CA ASP C 324 16.68 20.88 2.50
C ASP C 324 16.74 20.77 4.01
N VAL C 325 15.81 20.02 4.59
CA VAL C 325 15.82 19.70 6.00
C VAL C 325 16.61 18.42 6.21
N LEU C 326 17.46 18.40 7.23
CA LEU C 326 18.21 17.21 7.60
C LEU C 326 17.84 16.82 9.02
N VAL C 327 17.54 15.53 9.22
CA VAL C 327 17.33 14.98 10.55
C VAL C 327 18.54 14.11 10.85
N LEU C 328 19.34 14.52 11.84
CA LEU C 328 20.54 13.79 12.23
C LEU C 328 20.13 12.79 13.31
N PHE C 329 20.22 11.50 12.97
CA PHE C 329 19.91 10.43 13.91
C PHE C 329 21.14 10.20 14.77
N ILE C 330 21.34 11.09 15.75
CA ILE C 330 22.59 11.05 16.50
C ILE C 330 22.66 9.80 17.35
N ALA C 331 21.52 9.27 17.80
CA ALA C 331 21.53 7.98 18.48
C ALA C 331 22.02 6.88 17.56
N ALA C 332 21.65 6.95 16.27
CA ALA C 332 22.16 5.98 15.30
C ALA C 332 23.66 6.20 15.05
N ALA C 333 24.07 7.46 14.97
CA ALA C 333 25.49 7.77 14.78
C ALA C 333 26.33 7.23 15.93
N ASN C 334 25.78 7.19 17.13
CA ASN C 334 26.49 6.67 18.30
C ASN C 334 26.57 5.15 18.30
N ARG C 335 25.95 4.46 17.34
CA ARG C 335 26.12 3.02 17.17
C ARG C 335 26.84 2.67 15.87
N ASP C 336 27.51 3.64 15.26
CA ASP C 336 28.22 3.41 14.00
C ASP C 336 29.45 2.53 14.24
N PRO C 337 29.49 1.29 13.72
CA PRO C 337 30.63 0.42 14.03
C PRO C 337 31.96 0.93 13.51
N ALA C 338 31.96 1.82 12.51
CA ALA C 338 33.23 2.36 12.02
C ALA C 338 33.92 3.17 13.12
N VAL C 339 33.15 3.73 14.04
CA VAL C 339 33.70 4.53 15.12
C VAL C 339 33.60 3.83 16.47
N PHE C 340 32.63 2.93 16.65
CA PHE C 340 32.40 2.25 17.92
C PHE C 340 32.27 0.76 17.66
N PRO C 341 33.40 0.05 17.50
CA PRO C 341 33.32 -1.42 17.38
C PRO C 341 32.57 -2.02 18.55
N ASP C 342 31.83 -3.10 18.27
CA ASP C 342 30.85 -3.63 19.22
C ASP C 342 29.94 -2.50 19.67
N PRO C 343 29.23 -1.85 18.72
CA PRO C 343 28.59 -0.57 19.08
C PRO C 343 27.48 -0.68 20.11
N ASP C 344 26.84 -1.84 20.22
CA ASP C 344 25.72 -1.99 21.15
C ASP C 344 26.16 -2.39 22.56
N ALA C 345 27.46 -2.49 22.81
CA ALA C 345 27.97 -2.93 24.10
C ALA C 345 28.74 -1.81 24.79
N VAL C 346 28.70 -1.83 26.11
CA VAL C 346 29.58 -0.97 26.91
C VAL C 346 31.01 -1.47 26.79
N ARG C 347 31.91 -0.60 26.35
CA ARG C 347 33.34 -0.88 26.33
C ARG C 347 34.04 0.29 27.02
N LEU C 348 34.75 -0.01 28.11
CA LEU C 348 35.27 1.02 29.00
C LEU C 348 36.61 1.57 28.55
N THR C 349 37.13 1.12 27.40
CA THR C 349 38.44 1.53 26.91
C THR C 349 38.36 2.36 25.64
N ARG C 350 37.17 2.86 25.30
CA ARG C 350 37.03 3.70 24.12
C ARG C 350 37.61 5.09 24.36
N ARG C 351 37.96 5.75 23.26
CA ARG C 351 38.38 7.15 23.30
C ARG C 351 37.21 8.06 23.68
N ARG C 352 37.48 8.99 24.59
CA ARG C 352 36.47 9.95 25.01
C ARG C 352 36.20 10.98 23.92
N GLY C 353 35.08 11.67 24.05
CA GLY C 353 34.80 12.80 23.19
C GLY C 353 34.34 12.46 21.80
N LEU C 354 33.86 11.24 21.58
CA LEU C 354 33.40 10.81 20.27
C LEU C 354 31.89 10.85 20.13
N HIS C 355 31.14 10.42 21.14
CA HIS C 355 29.71 10.27 20.98
C HIS C 355 29.05 11.63 20.78
N LEU C 356 27.89 11.61 20.12
CA LEU C 356 27.17 12.83 19.75
C LEU C 356 25.89 13.02 20.55
N ALA C 357 25.75 12.32 21.68
CA ALA C 357 24.50 12.39 22.43
C ALA C 357 24.25 13.76 23.04
N PHE C 358 25.29 14.59 23.18
CA PHE C 358 25.13 15.98 23.58
C PHE C 358 25.29 16.95 22.41
N GLY C 359 25.27 16.45 21.18
CA GLY C 359 25.52 17.30 20.04
C GLY C 359 27.01 17.58 19.87
N ARG C 360 27.30 18.59 19.05
CA ARG C 360 28.67 19.02 18.83
C ARG C 360 28.68 20.42 18.25
N GLY C 361 29.66 21.21 18.65
CA GLY C 361 29.83 22.53 18.10
C GLY C 361 29.08 23.61 18.84
N ALA C 362 28.61 24.62 18.10
CA ALA C 362 28.06 25.82 18.72
C ALA C 362 26.89 25.49 19.64
N HIS C 363 26.07 24.52 19.26
CA HIS C 363 24.86 24.21 20.02
C HIS C 363 25.05 23.02 20.95
N ALA C 364 26.28 22.58 21.17
CA ALA C 364 26.53 21.48 22.09
C ALA C 364 25.83 21.72 23.42
N CYS C 365 25.29 20.66 24.00
CA CYS C 365 24.43 20.76 25.17
C CYS C 365 25.02 21.66 26.25
N LEU C 366 24.25 22.70 26.61
CA LEU C 366 24.64 23.56 27.73
C LEU C 366 24.74 22.77 29.03
N GLY C 367 23.95 21.72 29.18
CA GLY C 367 23.90 20.99 30.43
C GLY C 367 24.66 19.69 30.45
N ALA C 368 25.56 19.50 29.50
CA ALA C 368 26.28 18.23 29.41
C ALA C 368 27.04 17.94 30.70
N GLY C 369 27.72 18.94 31.25
CA GLY C 369 28.40 18.76 32.52
C GLY C 369 27.43 18.45 33.65
N LEU C 370 26.29 19.14 33.68
CA LEU C 370 25.30 18.88 34.70
C LEU C 370 24.75 17.45 34.59
N ALA C 371 24.46 17.01 33.37
CA ALA C 371 23.87 15.69 33.19
C ALA C 371 24.86 14.59 33.54
N THR C 372 26.13 14.74 33.14
CA THR C 372 27.12 13.71 33.44
C THR C 372 27.41 13.67 34.93
N LEU C 373 27.55 14.85 35.56
CA LEU C 373 27.67 14.90 37.02
C LEU C 373 26.48 14.24 37.67
N GLN C 374 25.27 14.53 37.19
CA GLN C 374 24.07 13.99 37.81
C GLN C 374 24.04 12.47 37.67
N LEU C 375 24.35 11.95 36.48
CA LEU C 375 24.40 10.51 36.30
C LEU C 375 25.53 9.90 37.12
N ARG C 376 26.66 10.59 37.22
CA ARG C 376 27.76 10.12 38.06
C ARG C 376 27.33 9.95 39.50
N GLU C 377 26.58 10.92 40.04
CA GLU C 377 26.12 10.83 41.42
C GLU C 377 25.07 9.74 41.60
N VAL C 378 24.23 9.52 40.60
CA VAL C 378 23.21 8.47 40.67
C VAL C 378 23.86 7.10 40.78
N LEU C 379 24.89 6.85 39.98
CA LEU C 379 25.58 5.55 40.04
C LEU C 379 26.14 5.30 41.44
N GLY C 380 26.71 6.33 42.07
CA GLY C 380 27.22 6.15 43.41
C GLY C 380 26.14 5.81 44.42
N ALA C 381 24.97 6.44 44.28
CA ALA C 381 23.87 6.14 45.19
C ALA C 381 23.37 4.72 45.01
N LEU C 382 23.30 4.23 43.77
CA LEU C 382 22.84 2.86 43.54
C LEU C 382 23.80 1.86 44.15
N ARG C 383 25.11 2.10 44.01
CA ARG C 383 26.09 1.20 44.64
C ARG C 383 25.96 1.20 46.15
N ALA C 384 25.61 2.33 46.75
CA ALA C 384 25.46 2.40 48.20
C ALA C 384 24.27 1.55 48.65
N LEU C 389 18.10 -4.28 42.21
CA LEU C 389 16.94 -3.99 41.36
C LEU C 389 16.83 -5.06 40.27
N ALA C 390 15.80 -5.90 40.37
CA ALA C 390 15.55 -6.99 39.45
C ALA C 390 14.36 -6.68 38.56
N PRO C 391 14.39 -7.09 37.29
CA PRO C 391 13.22 -6.85 36.42
C PRO C 391 11.97 -7.49 37.00
N ALA C 392 10.88 -6.73 37.02
CA ALA C 392 9.59 -7.22 37.52
C ALA C 392 8.51 -7.11 36.45
N GLY C 393 8.86 -7.30 35.18
CA GLY C 393 7.94 -7.14 34.09
C GLY C 393 8.61 -6.48 32.91
N PRO C 394 7.93 -6.44 31.76
CA PRO C 394 8.57 -5.86 30.57
C PRO C 394 8.63 -4.35 30.66
N ALA C 395 9.73 -3.80 30.16
CA ALA C 395 9.85 -2.37 29.93
C ALA C 395 8.95 -1.94 28.78
N ALA C 396 8.18 -0.87 28.98
CA ALA C 396 7.33 -0.30 27.95
C ALA C 396 7.84 1.08 27.58
N TYR C 397 7.88 1.36 26.27
CA TYR C 397 8.44 2.60 25.76
C TYR C 397 7.30 3.48 25.24
N GLU C 398 7.46 4.79 25.43
CA GLU C 398 6.45 5.73 24.97
C GLU C 398 6.49 5.86 23.46
N PRO C 399 5.36 6.19 22.83
CA PRO C 399 5.33 6.37 21.37
C PRO C 399 5.90 7.71 20.92
N THR C 400 7.20 7.89 21.18
CA THR C 400 7.91 9.10 20.79
C THR C 400 9.18 8.73 20.03
N ALA C 401 9.41 9.40 18.90
CA ALA C 401 10.51 9.10 18.00
C ALA C 401 11.69 10.05 18.16
N THR C 402 11.44 11.35 18.31
CA THR C 402 12.53 12.30 18.44
C THR C 402 13.30 12.09 19.74
N LEU C 403 12.56 11.94 20.84
CA LEU C 403 13.14 11.74 22.17
C LEU C 403 12.64 10.39 22.65
N ARG C 404 13.58 9.49 22.97
CA ARG C 404 13.23 8.14 23.38
C ARG C 404 13.06 8.07 24.89
N GLY C 405 11.94 7.50 25.33
CA GLY C 405 11.63 7.43 26.73
C GLY C 405 10.80 6.23 27.12
N LEU C 406 11.05 5.68 28.30
CA LEU C 406 10.25 4.57 28.80
C LEU C 406 8.94 5.09 29.39
N ALA C 407 7.86 4.37 29.13
CA ALA C 407 6.60 4.64 29.81
C ALA C 407 6.58 4.06 31.22
N GLU C 408 7.30 2.96 31.43
CA GLU C 408 7.29 2.24 32.69
C GLU C 408 8.51 1.32 32.74
N LEU C 409 9.09 1.19 33.92
CA LEU C 409 10.22 0.29 34.15
C LEU C 409 10.00 -0.42 35.47
N PRO C 410 9.25 -1.53 35.48
CA PRO C 410 8.91 -2.19 36.75
C PRO C 410 10.06 -3.05 37.25
N VAL C 411 10.42 -2.88 38.52
CA VAL C 411 11.47 -3.64 39.16
C VAL C 411 11.03 -3.94 40.60
N SER C 412 11.73 -4.89 41.23
CA SER C 412 11.50 -5.19 42.63
C SER C 412 12.70 -4.79 43.48
CHA HEM D . -2.06 -18.61 -16.22
CHB HEM D . -0.12 -15.06 -18.92
CHC HEM D . -1.87 -17.24 -22.90
CHD HEM D . -3.06 -21.12 -20.24
C1A HEM D . -1.39 -17.46 -16.60
C2A HEM D . -0.73 -16.53 -15.70
C3A HEM D . -0.19 -15.55 -16.44
C4A HEM D . -0.49 -15.82 -17.84
CMA HEM D . 0.61 -14.35 -15.90
CAA HEM D . -0.67 -16.66 -14.17
CBA HEM D . -1.96 -16.07 -13.58
CGA HEM D . -1.98 -16.24 -12.08
O1A HEM D . -1.26 -17.14 -11.57
O2A HEM D . -2.73 -15.49 -11.41
C1B HEM D . -0.52 -15.27 -20.23
C2B HEM D . -0.45 -14.33 -21.33
C3B HEM D . -0.94 -14.95 -22.43
C4B HEM D . -1.33 -16.29 -22.06
CMB HEM D . 0.10 -12.89 -21.21
CAB HEM D . -1.11 -14.41 -23.86
CBB HEM D . -0.96 -13.11 -24.16
C1C HEM D . -2.33 -18.49 -22.54
C2C HEM D . -2.86 -19.50 -23.44
C3C HEM D . -3.16 -20.58 -22.71
C4C HEM D . -2.87 -20.28 -21.32
CMC HEM D . -3.00 -19.34 -24.97
CAC HEM D . -3.79 -21.91 -23.17
CBC HEM D . -4.61 -21.95 -24.22
C1D HEM D . -2.97 -20.75 -18.92
C2D HEM D . -3.44 -21.52 -17.79
C3D HEM D . -3.16 -20.84 -16.67
C4D HEM D . -2.51 -19.60 -17.07
CMD HEM D . -4.14 -22.89 -17.85
CAD HEM D . -3.50 -21.28 -15.24
CBD HEM D . -2.30 -21.81 -14.47
CGD HEM D . -2.75 -22.18 -13.07
O1D HEM D . -3.83 -22.80 -12.92
O2D HEM D . -2.01 -21.86 -12.11
NA HEM D . -1.22 -16.99 -17.89
NB HEM D . -1.05 -16.45 -20.71
NC HEM D . -2.35 -19.00 -21.26
ND HEM D . -2.41 -19.59 -18.44
FE HEM D . -1.87 -17.93 -19.58
HHB HEM D . 0.59 -14.40 -18.78
HHC HEM D . -1.93 -17.00 -23.84
HHD HEM D . -3.42 -22.01 -20.44
HMA HEM D . 0.06 -13.82 -15.28
HMAA HEM D . 0.89 -13.77 -16.66
HMAB HEM D . 1.41 -14.67 -15.43
HAA HEM D . 0.09 -16.18 -13.81
HAAA HEM D . -0.61 -17.60 -13.92
HBA HEM D . -2.72 -16.53 -13.96
HBAA HEM D . -2.00 -15.13 -13.79
HMB HEM D . 0.56 -12.65 -22.02
HMBA HEM D . 0.71 -12.85 -20.46
HMBB HEM D . -0.64 -12.27 -21.05
HAB HEM D . -1.34 -15.02 -24.57
HBB HEM D . -0.71 -12.85 -25.06
HBBA HEM D . -1.11 -12.44 -23.48
HMC HEM D . -3.02 -20.21 -25.39
HMCA HEM D . -2.25 -18.83 -25.30
HMCB HEM D . -3.83 -18.86 -25.17
HAC HEM D . -3.58 -22.73 -22.70
HBC HEM D . -4.96 -22.79 -24.53
HBCA HEM D . -4.95 -21.12 -24.59
HMD HEM D . -5.00 -22.80 -18.31
HMDA HEM D . -4.29 -23.25 -16.95
HMDB HEM D . -3.58 -23.52 -18.36
HAD HEM D . -4.19 -21.97 -15.26
HADA HEM D . -3.86 -20.51 -14.77
HBD HEM D . -1.61 -21.12 -14.41
HBDA HEM D . -1.94 -22.59 -14.91
HHA HEM D . -2.32 -18.68 -15.27
C1 TFA E . -8.61 -8.36 -21.42
C2 TFA E . -8.32 -8.11 -22.90
O TFA E . -9.04 -7.42 -20.69
F1 TFA E . -8.36 -9.28 -23.59
F2 TFA E . -9.25 -7.26 -23.42
F3 TFA E . -7.08 -7.55 -23.04
OXT TFA E . -8.45 -9.51 -20.92
C1 TFA F . 9.95 -18.22 -16.56
C2 TFA F . 8.81 -17.74 -15.67
O TFA F . 10.09 -19.46 -16.74
F1 TFA F . 7.66 -18.35 -16.06
F2 TFA F . 8.67 -16.38 -15.80
F3 TFA F . 9.09 -18.03 -14.37
OXT TFA F . 10.76 -17.41 -17.09
C ACT G . -12.08 -31.35 -36.51
O ACT G . -12.36 -31.46 -37.76
OXT ACT G . -10.98 -31.10 -36.04
CH3 ACT G . -13.26 -31.73 -35.64
H1 ACT G . -13.01 -31.67 -34.71
H2 ACT G . -13.98 -31.10 -35.78
H3 ACT G . -13.60 -32.62 -35.79
CHA HEM H . -16.00 1.34 -6.92
CHB HEM H . -16.30 5.22 -9.81
CHC HEM H . -14.77 8.00 -6.13
CHD HEM H . -15.17 4.23 -3.12
C1A HEM H . -16.23 2.14 -8.02
C2A HEM H . -16.76 1.70 -9.29
C3A HEM H . -16.84 2.77 -10.09
C4A HEM H . -16.37 3.93 -9.35
CMA HEM H . -17.34 2.78 -11.55
CAA HEM H . -17.14 0.24 -9.64
CBA HEM H . -15.87 -0.47 -10.09
CGA HEM H . -16.12 -1.94 -10.34
O1A HEM H . -17.10 -2.49 -9.79
O2A HEM H . -15.32 -2.56 -11.09
C1B HEM H . -15.79 6.29 -9.09
C2B HEM H . -15.40 7.59 -9.64
C3B HEM H . -14.98 8.35 -8.61
C4B HEM H . -15.10 7.57 -7.40
CMB HEM H . -15.46 7.96 -11.13
CAB HEM H . -14.43 9.80 -8.62
CBB HEM H . -14.17 10.44 -9.76
C1C HEM H . -14.74 7.24 -5.00
C2C HEM H . -14.35 7.68 -3.68
C3C HEM H . -14.48 6.64 -2.83
C4C HEM H . -14.93 5.49 -3.60
CMC HEM H . -13.91 9.12 -3.33
CAC HEM H . -14.16 6.61 -1.32
CBC HEM H . -13.21 7.39 -0.81
C1D HEM H . -15.36 3.10 -3.88
C2D HEM H . -15.34 1.73 -3.42
C3D HEM H . -15.57 0.93 -4.47
C4D HEM H . -15.75 1.77 -5.65
CMD HEM H . -15.08 1.27 -1.97
CAD HEM H . -15.63 -0.61 -4.47
CBD HEM H . -17.06 -1.15 -4.34
CGD HEM H . -17.00 -2.64 -4.43
O1D HEM H . -16.20 -3.27 -3.69
O2D HEM H . -17.76 -3.21 -5.26
NA HEM H . -16.01 3.50 -8.08
NB HEM H . -15.60 6.33 -7.73
NC HEM H . -15.08 5.90 -4.91
ND HEM H . -15.62 3.08 -5.24
FE HEM H . -15.44 4.68 -6.50
HHB HEM H . -16.76 5.44 -10.64
HHC HEM H . -14.55 8.95 -6.04
HHD HEM H . -15.28 4.13 -2.14
HMA HEM H . -16.78 2.20 -12.10
HMAA HEM H . -17.30 3.69 -11.91
HMAB HEM H . -18.28 2.47 -11.59
HAA HEM H . -17.79 0.23 -10.35
HAAA HEM H . -17.50 -0.20 -8.85
HBA HEM H . -15.19 -0.37 -9.40
HBAA HEM H . -15.55 -0.06 -10.91
HMB HEM H . -15.76 8.87 -11.23
HMBA HEM H . -16.09 7.36 -11.58
HMBB HEM H . -14.58 7.85 -11.53
HAB HEM H . -14.28 10.24 -7.79
HBB HEM H . -14.24 11.40 -9.79
HBBA HEM H . -13.91 9.95 -10.55
HMC HEM H . -14.11 9.32 -2.41
HMCA HEM H . -14.38 9.74 -3.91
HMCB HEM H . -12.95 9.21 -3.49
HAC HEM H . -14.70 6.07 -0.74
HBC HEM H . -13.10 7.45 0.15
HBCA HEM H . -12.60 7.86 -1.41
HMD HEM H . -14.22 1.61 -1.68
HMDA HEM H . -15.10 0.30 -1.92
HMDB HEM H . -15.78 1.64 -1.39
HAD HEM H . -15.11 -0.94 -3.72
HADA HEM H . -15.25 -0.94 -5.29
HBD HEM H . -17.61 -0.79 -5.05
HBDA HEM H . -17.44 -0.88 -3.48
HHA HEM H . -15.95 0.37 -7.08
C1 PEG I . -24.76 -18.07 14.26
O1 PEG I . -24.54 -17.12 15.29
C2 PEG I . -25.49 -17.47 13.10
O2 PEG I . -25.72 -18.45 12.10
C3 PEG I . -26.16 -17.88 10.87
C4 PEG I . -26.72 -18.94 9.99
O4 PEG I . -26.99 -18.43 8.69
H11 PEG I . -25.30 -18.81 14.62
H12 PEG I . -23.91 -18.42 13.96
HO1 PEG I . -24.55 -16.31 15.02
H21 PEG I . -24.95 -16.75 12.73
H22 PEG I . -26.33 -17.11 13.40
H31 PEG I . -25.41 -17.45 10.43
H32 PEG I . -26.84 -17.21 11.06
H41 PEG I . -27.55 -19.27 10.37
H42 PEG I . -26.09 -19.67 9.92
HO4 PEG I . -26.98 -17.58 8.64
C ACT J . -8.35 26.27 6.20
O ACT J . -8.42 27.00 7.17
OXT ACT J . -7.90 26.63 5.05
CH3 ACT J . -8.92 24.86 6.17
H1 ACT J . -9.65 24.78 6.82
H2 ACT J . -8.24 24.23 6.42
H3 ACT J . -9.27 24.59 5.32
C1 TFA K . -27.10 4.63 -9.72
C2 TFA K . -25.89 3.78 -10.15
O TFA K . -27.49 5.59 -10.43
F1 TFA K . -26.03 2.53 -9.61
F2 TFA K . -25.83 3.68 -11.50
F3 TFA K . -24.77 4.36 -9.66
OXT TFA K . -27.68 4.37 -8.63
C ACT L . -6.04 14.98 12.99
O ACT L . -7.21 14.97 12.61
OXT ACT L . -5.30 16.03 13.07
CH3 ACT L . -5.26 13.70 13.26
H1 ACT L . -5.73 12.93 12.91
H2 ACT L . -5.18 13.58 14.23
H3 ACT L . -4.36 13.69 12.89
CHA HEM M . 21.29 21.24 23.66
CHB HEM M . 20.06 22.32 28.22
CHC HEM M . 20.55 17.64 29.43
CHD HEM M . 21.04 16.53 24.74
C1A HEM M . 20.91 21.95 24.77
C2A HEM M . 20.63 23.37 24.84
C3A HEM M . 20.30 23.67 26.09
C4A HEM M . 20.35 22.45 26.87
CMA HEM M . 19.91 25.07 26.63
CAA HEM M . 20.71 24.35 23.64
CBA HEM M . 22.09 25.01 23.64
CGA HEM M . 22.33 25.78 22.36
O1A HEM M . 21.56 25.58 21.39
O2A HEM M . 23.30 26.57 22.32
C1B HEM M . 20.19 21.16 28.95
C2B HEM M . 20.19 21.08 30.39
C3B HEM M . 20.30 19.78 30.74
C4B HEM M . 20.40 19.01 29.52
CMB HEM M . 20.05 22.30 31.32
CAB HEM M . 20.38 19.15 32.15
CBB HEM M . 20.53 19.90 33.25
C1C HEM M . 20.72 16.93 28.27
C2C HEM M . 20.91 15.49 28.16
C3C HEM M . 21.02 15.19 26.86
C4C HEM M . 20.94 16.42 26.10
CMC HEM M . 20.93 14.51 29.35
CAC HEM M . 21.26 13.81 26.20
CBC HEM M . 21.88 12.84 26.86
C1D HEM M . 21.23 17.70 24.05
C2D HEM M . 21.63 17.81 22.66
C3D HEM M . 21.70 19.12 22.37
C4D HEM M . 21.34 19.87 23.55
CMD HEM M . 21.93 16.64 21.72
CAD HEM M . 22.10 19.72 21.00
CBD HEM M . 20.87 20.09 20.20
CGD HEM M . 21.31 20.80 18.94
O1D HEM M . 22.15 20.23 18.19
O2D HEM M . 20.81 21.92 18.69
NA HEM M . 20.73 21.42 26.03
NB HEM M . 20.33 19.89 28.45
NC HEM M . 20.76 17.46 26.99
ND HEM M . 21.06 18.97 24.56
FE HEM M . 20.91 19.43 26.54
HHB HEM M . 19.65 23.09 28.66
HHC HEM M . 20.44 17.13 30.25
HHD HEM M . 21.09 15.70 24.23
HMA HEM M . 20.66 25.69 26.49
HMAA HEM M . 19.71 25.00 27.58
HMAB HEM M . 19.12 25.39 26.15
HAA HEM M . 20.02 25.02 23.72
HAAA HEM M . 20.59 23.86 22.81
HBA HEM M . 22.78 24.34 23.74
HBAA HEM M . 22.14 25.63 24.39
HMB HEM M . 19.51 22.07 32.10
HMBA HEM M . 19.60 23.01 30.84
HMBB HEM M . 20.92 22.59 31.61
HAB HEM M . 20.31 18.20 32.24
HBB HEM M . 20.19 19.58 34.10
HBBA HEM M . 20.98 20.75 33.20
HMC HEM M . 20.63 13.64 29.06
HMCA HEM M . 20.32 14.83 30.04
HMCB HEM M . 21.82 14.46 29.71
HAC HEM M . 20.89 13.64 25.33
HBC HEM M . 21.95 11.96 26.46
HBCA HEM M . 22.35 13.03 27.69
HMD HEM M . 22.68 16.12 22.08
HMDA HEM M . 22.17 16.97 20.83
HMDB HEM M . 21.14 16.07 21.66
HAD HEM M . 22.63 19.08 20.50
HADA HEM M . 22.64 20.51 21.16
HBD HEM M . 20.30 20.68 20.72
HBDA HEM M . 20.37 19.28 19.96
HHA HEM M . 21.45 21.76 22.83
C ACT N . 10.18 23.96 25.46
O ACT N . 9.73 23.07 26.17
OXT ACT N . 11.43 24.23 25.32
CH3 ACT N . 9.30 24.95 24.71
H1 ACT N . 8.60 25.29 25.27
H2 ACT N . 8.89 24.49 23.95
H3 ACT N . 9.79 25.71 24.36
C1 TFA O . 26.03 -3.65 27.80
C2 TFA O . 25.53 -4.54 28.92
O TFA O . 25.32 -2.65 27.49
F1 TFA O . 24.20 -4.29 29.06
F2 TFA O . 25.72 -5.86 28.63
F3 TFA O . 26.18 -4.23 30.09
OXT TFA O . 27.10 -3.90 27.19
#